data_3TWV
#
_entry.id   3TWV
#
_cell.length_a   62.219
_cell.length_b   104.978
_cell.length_c   129.555
_cell.angle_alpha   90.00
_cell.angle_beta   90.00
_cell.angle_gamma   90.00
#
_symmetry.space_group_name_H-M   'P 21 21 21'
#
loop_
_entity.id
_entity.type
_entity.pdbx_description
1 polymer Tankyrase-2
2 polymer 'human NUMA1'
3 non-polymer 3,6,9,12,15,18,21-HEPTAOXATRICOSANE-1,23-DIOL
4 non-polymer 'SULFATE ION'
5 non-polymer 1,2-ETHANEDIOL
6 water water
#
loop_
_entity_poly.entity_id
_entity_poly.type
_entity_poly.pdbx_seq_one_letter_code
_entity_poly.pdbx_strand_id
1 'polypeptide(L)'
;GAMGNSEADRQLLEAAKAGDVETVKKLCTVQSVNCRDIEGRQSTPLHFAAGYNRVSVVEYLLQHGADVHAKDKGGLVPLH
NACSYGHYEVAELLVKHGAVVNVADLWKFTPLHEAAAKGKYEICKLLLQHGADPTKKNRDGNTPLDLVKDGDTDIQDLLR
GDAAL
;
A,B,C,D
2 'polypeptide(L)' LPHLQRTQPDGQSFR(SET) E,F,G,H
#
# COMPACT_ATOMS: atom_id res chain seq x y z
N SER A 6 -6.58 20.67 -2.05
CA SER A 6 -5.73 21.85 -2.19
C SER A 6 -4.35 21.46 -2.69
N GLU A 7 -3.58 22.45 -3.12
CA GLU A 7 -2.28 22.20 -3.75
C GLU A 7 -1.22 21.65 -2.81
N ALA A 8 -1.16 22.20 -1.58
CA ALA A 8 -0.21 21.72 -0.59
C ALA A 8 -0.44 20.26 -0.23
N ASP A 9 -1.69 19.88 0.00
CA ASP A 9 -2.01 18.51 0.33
C ASP A 9 -1.70 17.59 -0.86
N ARG A 10 -1.99 18.07 -2.06
CA ARG A 10 -1.74 17.30 -3.27
C ARG A 10 -0.24 17.00 -3.42
N GLN A 11 0.58 18.01 -3.12
CA GLN A 11 2.02 17.85 -3.19
C GLN A 11 2.51 16.92 -2.09
N LEU A 12 1.97 17.05 -0.89
CA LEU A 12 2.38 16.18 0.21
C LEU A 12 2.16 14.71 -0.18
N LEU A 13 0.96 14.43 -0.66
CA LEU A 13 0.59 13.09 -1.13
C LEU A 13 1.55 12.56 -2.21
N GLU A 14 1.90 13.40 -3.19
CA GLU A 14 2.88 13.04 -4.21
C GLU A 14 4.27 12.76 -3.64
N ALA A 15 4.66 13.52 -2.62
CA ALA A 15 5.94 13.33 -1.98
C ALA A 15 5.98 12.02 -1.20
N ALA A 16 4.90 11.72 -0.48
CA ALA A 16 4.85 10.50 0.31
C ALA A 16 4.87 9.29 -0.62
N LYS A 17 4.28 9.46 -1.79
CA LYS A 17 4.25 8.40 -2.80
C LYS A 17 5.62 8.18 -3.42
N ALA A 18 6.33 9.28 -3.69
CA ALA A 18 7.66 9.26 -4.29
C ALA A 18 8.79 8.91 -3.31
N GLY A 19 8.50 8.99 -2.01
CA GLY A 19 9.53 8.78 -1.02
C GLY A 19 10.40 10.01 -0.84
N ASP A 20 9.87 11.17 -1.24
CA ASP A 20 10.62 12.42 -1.21
C ASP A 20 10.56 13.02 0.20
N VAL A 21 11.45 12.53 1.06
CA VAL A 21 11.44 12.85 2.48
C VAL A 21 11.50 14.35 2.76
N GLU A 22 12.45 15.04 2.12
CA GLU A 22 12.65 16.45 2.39
C GLU A 22 11.39 17.25 2.05
N THR A 23 10.65 16.84 1.03
CA THR A 23 9.46 17.59 0.67
C THR A 23 8.34 17.26 1.64
N VAL A 24 8.33 16.02 2.11
CA VAL A 24 7.42 15.64 3.18
C VAL A 24 7.68 16.50 4.43
N LYS A 25 8.94 16.64 4.83
CA LYS A 25 9.24 17.42 6.02
C LYS A 25 8.76 18.86 5.86
N LYS A 26 8.75 19.32 4.62
CA LYS A 26 8.39 20.71 4.33
C LYS A 26 6.88 20.97 4.34
N LEU A 27 6.09 19.94 4.03
CA LEU A 27 4.65 20.13 3.87
C LEU A 27 3.80 19.44 4.94
N CYS A 28 4.43 18.65 5.79
CA CYS A 28 3.70 17.94 6.82
C CYS A 28 3.38 18.83 8.02
N THR A 29 2.16 19.35 8.05
CA THR A 29 1.67 20.13 9.18
C THR A 29 0.67 19.27 9.94
N VAL A 30 0.25 19.75 11.11
CA VAL A 30 -0.80 19.07 11.87
C VAL A 30 -2.12 19.04 11.08
N GLN A 31 -2.30 20.03 10.21
CA GLN A 31 -3.48 20.12 9.38
C GLN A 31 -3.46 19.13 8.22
N SER A 32 -2.26 18.77 7.75
CA SER A 32 -2.13 18.06 6.48
C SER A 32 -1.65 16.62 6.59
N VAL A 33 -1.12 16.24 7.76
CA VAL A 33 -0.47 14.94 7.93
C VAL A 33 -1.46 13.78 7.68
N ASN A 34 -2.73 14.03 7.93
CA ASN A 34 -3.78 13.05 7.66
C ASN A 34 -4.76 13.52 6.59
N CYS A 35 -4.28 14.29 5.61
CA CYS A 35 -5.14 14.69 4.51
C CYS A 35 -5.42 13.48 3.63
N ARG A 36 -6.40 13.59 2.75
CA ARG A 36 -6.84 12.46 1.92
C ARG A 36 -6.89 12.83 0.43
N ASP A 37 -6.45 11.90 -0.40
CA ASP A 37 -6.44 12.09 -1.85
C ASP A 37 -7.86 12.02 -2.41
N ILE A 38 -8.49 13.18 -2.55
CA ILE A 38 -9.89 13.25 -3.00
C ILE A 38 -10.08 12.72 -4.41
N GLU A 39 -9.08 12.85 -5.27
CA GLU A 39 -9.25 12.41 -6.67
C GLU A 39 -9.16 10.90 -6.87
N GLY A 40 -8.64 10.18 -5.88
CA GLY A 40 -8.46 8.74 -6.03
C GLY A 40 -9.36 7.95 -5.11
N ARG A 41 -8.78 7.08 -4.28
CA ARG A 41 -9.57 6.34 -3.29
C ARG A 41 -9.35 6.89 -1.88
N GLN A 42 -9.12 8.21 -1.81
CA GLN A 42 -8.95 8.91 -0.53
C GLN A 42 -7.84 8.40 0.38
N SER A 43 -6.76 7.93 -0.22
CA SER A 43 -5.59 7.53 0.55
C SER A 43 -5.00 8.72 1.31
N THR A 44 -4.39 8.44 2.47
CA THR A 44 -3.66 9.45 3.24
C THR A 44 -2.17 9.40 2.88
N PRO A 45 -1.37 10.37 3.38
CA PRO A 45 0.06 10.25 3.04
C PRO A 45 0.66 8.95 3.53
N LEU A 46 0.14 8.42 4.64
CA LEU A 46 0.64 7.14 5.19
C LEU A 46 0.28 5.94 4.31
N HIS A 47 -0.95 5.90 3.82
CA HIS A 47 -1.34 4.91 2.82
C HIS A 47 -0.36 4.85 1.64
N PHE A 48 0.00 6.01 1.11
CA PHE A 48 0.88 6.07 -0.04
C PHE A 48 2.29 5.63 0.30
N ALA A 49 2.82 6.17 1.39
CA ALA A 49 4.17 5.85 1.84
C ALA A 49 4.26 4.36 2.09
N ALA A 50 3.19 3.81 2.65
CA ALA A 50 3.15 2.40 3.01
C ALA A 50 3.04 1.53 1.76
N GLY A 51 2.12 1.89 0.87
CA GLY A 51 1.90 1.11 -0.33
C GLY A 51 3.12 1.14 -1.24
N TYR A 52 3.86 2.25 -1.21
CA TYR A 52 5.02 2.37 -2.10
C TYR A 52 6.33 2.10 -1.38
N ASN A 53 6.24 1.57 -0.17
CA ASN A 53 7.40 1.10 0.56
C ASN A 53 8.44 2.23 0.76
N ARG A 54 7.95 3.39 1.21
CA ARG A 54 8.81 4.51 1.58
C ARG A 54 9.00 4.55 3.10
N VAL A 55 9.92 3.72 3.57
CA VAL A 55 10.13 3.51 5.01
C VAL A 55 10.36 4.79 5.81
N SER A 56 11.25 5.64 5.33
N SER A 56 11.25 5.66 5.34
CA SER A 56 11.59 6.87 6.04
CA SER A 56 11.58 6.85 6.12
C SER A 56 10.37 7.77 6.15
C SER A 56 10.47 7.89 6.10
N VAL A 57 9.62 7.88 5.07
CA VAL A 57 8.42 8.71 5.07
C VAL A 57 7.41 8.12 6.07
N VAL A 58 7.20 6.81 6.00
CA VAL A 58 6.33 6.09 6.95
C VAL A 58 6.72 6.38 8.41
N GLU A 59 8.01 6.28 8.71
CA GLU A 59 8.53 6.61 10.04
C GLU A 59 8.22 8.05 10.43
N TYR A 60 8.68 9.00 9.59
CA TYR A 60 8.38 10.41 9.78
C TYR A 60 6.90 10.66 10.05
N LEU A 61 6.03 10.21 9.13
CA LEU A 61 4.59 10.45 9.27
C LEU A 61 4.04 9.91 10.58
N LEU A 62 4.41 8.69 10.92
CA LEU A 62 3.98 8.09 12.18
C LEU A 62 4.45 8.94 13.35
N GLN A 63 5.69 9.41 13.29
CA GLN A 63 6.21 10.19 14.39
C GLN A 63 5.54 11.55 14.50
N HIS A 64 4.99 12.03 13.38
CA HIS A 64 4.41 13.36 13.35
C HIS A 64 2.89 13.35 13.36
N GLY A 65 2.30 12.22 13.74
CA GLY A 65 0.88 12.12 14.00
C GLY A 65 -0.02 11.50 12.95
N ALA A 66 0.54 10.73 12.01
CA ALA A 66 -0.28 10.05 11.00
C ALA A 66 -1.14 8.96 11.66
N ASP A 67 -2.39 8.85 11.21
CA ASP A 67 -3.33 7.92 11.83
C ASP A 67 -3.16 6.54 11.19
N VAL A 68 -2.58 5.63 11.98
CA VAL A 68 -2.31 4.26 11.57
C VAL A 68 -3.60 3.49 11.26
N HIS A 69 -4.73 3.99 11.78
CA HIS A 69 -6.02 3.31 11.61
C HIS A 69 -6.94 3.93 10.56
N ALA A 70 -6.50 4.99 9.90
CA ALA A 70 -7.38 5.71 8.99
C ALA A 70 -7.78 4.82 7.83
N LYS A 71 -9.07 4.74 7.58
CA LYS A 71 -9.57 3.97 6.44
C LYS A 71 -9.71 4.86 5.22
N ASP A 72 -9.34 4.35 4.04
CA ASP A 72 -9.61 5.07 2.81
C ASP A 72 -11.05 4.84 2.33
N LYS A 73 -11.32 5.18 1.07
CA LYS A 73 -12.70 5.17 0.58
C LYS A 73 -13.25 3.75 0.54
N GLY A 74 -12.39 2.77 0.27
CA GLY A 74 -12.81 1.38 0.24
C GLY A 74 -12.63 0.66 1.57
N GLY A 75 -12.25 1.41 2.61
CA GLY A 75 -12.12 0.84 3.93
C GLY A 75 -10.78 0.18 4.19
N LEU A 76 -9.75 0.58 3.44
CA LEU A 76 -8.42 0.04 3.65
C LEU A 76 -7.65 0.89 4.64
N VAL A 77 -6.88 0.25 5.51
CA VAL A 77 -5.93 0.95 6.36
C VAL A 77 -4.56 0.71 5.75
N PRO A 78 -3.57 1.54 6.13
CA PRO A 78 -2.24 1.42 5.50
C PRO A 78 -1.64 0.02 5.62
N LEU A 79 -2.02 -0.72 6.65
CA LEU A 79 -1.52 -2.08 6.78
C LEU A 79 -1.97 -2.96 5.60
N HIS A 80 -3.17 -2.72 5.10
CA HIS A 80 -3.64 -3.42 3.90
C HIS A 80 -2.63 -3.18 2.78
N ASN A 81 -2.31 -1.90 2.55
CA ASN A 81 -1.38 -1.50 1.48
C ASN A 81 -0.04 -2.16 1.66
N ALA A 82 0.43 -2.24 2.91
CA ALA A 82 1.74 -2.82 3.15
C ALA A 82 1.70 -4.30 2.87
N CYS A 83 0.61 -4.94 3.27
CA CYS A 83 0.56 -6.38 3.24
C CYS A 83 0.33 -6.86 1.83
N SER A 84 -0.54 -6.17 1.11
CA SER A 84 -0.85 -6.54 -0.27
C SER A 84 0.38 -6.43 -1.19
N TYR A 85 1.26 -5.47 -0.92
CA TYR A 85 2.42 -5.29 -1.79
C TYR A 85 3.71 -5.88 -1.23
N GLY A 86 3.59 -6.60 -0.11
CA GLY A 86 4.71 -7.36 0.41
C GLY A 86 5.76 -6.57 1.17
N HIS A 87 5.41 -5.39 1.66
CA HIS A 87 6.38 -4.56 2.37
C HIS A 87 6.48 -4.94 3.86
N TYR A 88 7.42 -5.83 4.15
CA TYR A 88 7.53 -6.44 5.46
C TYR A 88 7.89 -5.42 6.55
N GLU A 89 9.03 -4.75 6.39
CA GLU A 89 9.43 -3.69 7.31
C GLU A 89 8.32 -2.68 7.55
N VAL A 90 7.70 -2.21 6.47
CA VAL A 90 6.58 -1.28 6.64
C VAL A 90 5.48 -1.90 7.52
N ALA A 91 5.15 -3.15 7.25
CA ALA A 91 4.09 -3.85 7.98
C ALA A 91 4.45 -3.88 9.47
N GLU A 92 5.71 -4.22 9.74
CA GLU A 92 6.23 -4.29 11.10
C GLU A 92 6.15 -2.93 11.80
N LEU A 93 6.50 -1.88 11.07
CA LEU A 93 6.41 -0.53 11.63
C LEU A 93 4.98 -0.20 12.06
N LEU A 94 4.02 -0.51 11.21
CA LEU A 94 2.65 -0.14 11.47
C LEU A 94 2.14 -0.93 12.68
N VAL A 95 2.43 -2.22 12.69
CA VAL A 95 1.96 -3.10 13.76
C VAL A 95 2.54 -2.65 15.09
N LYS A 96 3.83 -2.34 15.08
CA LYS A 96 4.54 -1.89 16.26
C LYS A 96 3.95 -0.57 16.73
N HIS A 97 3.46 0.25 15.80
CA HIS A 97 2.78 1.47 16.17
C HIS A 97 1.26 1.34 16.48
N GLY A 98 0.74 0.12 16.54
CA GLY A 98 -0.58 -0.10 17.09
C GLY A 98 -1.63 -0.57 16.10
N ALA A 99 -1.22 -0.75 14.85
CA ALA A 99 -2.14 -1.23 13.82
C ALA A 99 -2.92 -2.47 14.26
N VAL A 100 -4.21 -2.47 13.98
CA VAL A 100 -5.06 -3.60 14.30
C VAL A 100 -4.87 -4.59 13.16
N VAL A 101 -4.49 -5.82 13.48
CA VAL A 101 -4.21 -6.79 12.42
C VAL A 101 -5.44 -7.45 11.81
N ASN A 102 -6.53 -7.50 12.57
CA ASN A 102 -7.74 -8.15 12.09
C ASN A 102 -8.70 -7.15 11.46
N VAL A 103 -8.17 -5.98 11.12
CA VAL A 103 -8.94 -4.91 10.51
C VAL A 103 -9.48 -5.37 9.14
N ALA A 104 -10.62 -4.84 8.75
CA ALA A 104 -11.34 -5.37 7.60
C ALA A 104 -11.90 -4.23 6.77
N ASP A 105 -11.71 -4.31 5.46
CA ASP A 105 -12.23 -3.27 4.58
C ASP A 105 -13.73 -3.43 4.34
N LEU A 106 -14.26 -2.64 3.41
CA LEU A 106 -15.67 -2.63 3.13
C LEU A 106 -16.16 -3.99 2.65
N TRP A 107 -15.24 -4.81 2.12
CA TRP A 107 -15.62 -6.11 1.61
C TRP A 107 -15.21 -7.19 2.61
N LYS A 108 -14.82 -6.75 3.80
CA LYS A 108 -14.39 -7.65 4.86
C LYS A 108 -13.12 -8.40 4.53
N PHE A 109 -12.30 -7.82 3.66
CA PHE A 109 -10.93 -8.27 3.44
C PHE A 109 -10.00 -7.76 4.53
N THR A 110 -9.25 -8.68 5.12
CA THR A 110 -8.23 -8.33 6.12
C THR A 110 -6.87 -8.32 5.45
N PRO A 111 -5.86 -7.70 6.10
CA PRO A 111 -4.50 -7.73 5.55
C PRO A 111 -4.05 -9.16 5.31
N LEU A 112 -4.52 -10.09 6.14
CA LEU A 112 -4.18 -11.50 5.95
C LEU A 112 -4.78 -12.04 4.64
N HIS A 113 -5.92 -11.50 4.22
CA HIS A 113 -6.47 -11.89 2.92
C HIS A 113 -5.51 -11.39 1.84
N GLU A 114 -5.10 -10.14 1.97
CA GLU A 114 -4.18 -9.54 1.01
C GLU A 114 -2.88 -10.35 0.92
N ALA A 115 -2.20 -10.52 2.06
CA ALA A 115 -0.91 -11.21 2.07
C ALA A 115 -0.99 -12.65 1.54
N ALA A 116 -2.09 -13.35 1.86
CA ALA A 116 -2.28 -14.73 1.39
C ALA A 116 -2.51 -14.80 -0.13
N ALA A 117 -3.41 -13.97 -0.64
CA ALA A 117 -3.71 -13.96 -2.08
C ALA A 117 -2.54 -13.50 -2.92
N LYS A 118 -1.65 -12.68 -2.35
CA LYS A 118 -0.53 -12.17 -3.13
C LYS A 118 0.73 -13.00 -2.93
N GLY A 119 0.63 -14.04 -2.10
CA GLY A 119 1.72 -14.99 -1.94
C GLY A 119 2.90 -14.48 -1.13
N LYS A 120 2.60 -13.68 -0.10
CA LYS A 120 3.62 -13.17 0.80
C LYS A 120 3.69 -13.98 2.10
N TYR A 121 4.49 -15.04 2.10
CA TYR A 121 4.66 -15.92 3.26
C TYR A 121 5.04 -15.18 4.56
N GLU A 122 6.21 -14.53 4.57
CA GLU A 122 6.74 -13.91 5.78
C GLU A 122 5.82 -12.83 6.34
N ILE A 123 5.04 -12.22 5.47
CA ILE A 123 4.05 -11.25 5.94
C ILE A 123 2.87 -11.95 6.59
N CYS A 124 2.40 -13.02 5.95
CA CYS A 124 1.40 -13.89 6.56
C CYS A 124 1.87 -14.32 7.95
N LYS A 125 3.14 -14.69 8.05
CA LYS A 125 3.69 -15.16 9.31
C LYS A 125 3.65 -14.05 10.34
N LEU A 126 4.15 -12.88 9.95
CA LEU A 126 4.11 -11.70 10.80
C LEU A 126 2.70 -11.44 11.33
N LEU A 127 1.73 -11.44 10.44
CA LEU A 127 0.35 -11.20 10.84
C LEU A 127 -0.12 -12.28 11.84
N LEU A 128 0.21 -13.53 11.55
CA LEU A 128 -0.18 -14.62 12.46
C LEU A 128 0.44 -14.48 13.85
N GLN A 129 1.72 -14.13 13.90
CA GLN A 129 2.39 -13.90 15.18
C GLN A 129 1.74 -12.77 16.00
N HIS A 130 1.11 -11.81 15.35
CA HIS A 130 0.44 -10.76 16.08
C HIS A 130 -1.05 -11.01 16.20
N GLY A 131 -1.45 -12.25 15.96
CA GLY A 131 -2.80 -12.66 16.26
C GLY A 131 -3.84 -12.47 15.17
N ALA A 132 -3.40 -12.47 13.91
CA ALA A 132 -4.35 -12.38 12.80
C ALA A 132 -5.14 -13.68 12.74
N ASP A 133 -6.44 -13.58 12.51
CA ASP A 133 -7.31 -14.74 12.49
C ASP A 133 -7.40 -15.27 11.07
N PRO A 134 -6.85 -16.46 10.83
CA PRO A 134 -6.89 -17.09 9.51
C PRO A 134 -8.28 -17.63 9.13
N THR A 135 -9.24 -17.57 10.06
CA THR A 135 -10.57 -18.12 9.84
C THR A 135 -11.61 -17.05 9.47
N LYS A 136 -11.18 -15.79 9.46
CA LYS A 136 -12.09 -14.70 9.09
C LYS A 136 -12.47 -14.78 7.62
N LYS A 137 -13.77 -14.67 7.36
CA LYS A 137 -14.30 -14.73 6.01
C LYS A 137 -14.60 -13.32 5.52
N ASN A 138 -14.34 -13.07 4.24
CA ASN A 138 -14.74 -11.82 3.61
C ASN A 138 -16.19 -11.92 3.10
N ARG A 139 -16.68 -10.88 2.42
CA ARG A 139 -18.05 -10.83 1.92
C ARG A 139 -18.37 -12.03 1.02
N ASP A 140 -17.35 -12.59 0.39
CA ASP A 140 -17.53 -13.77 -0.47
C ASP A 140 -17.52 -15.09 0.31
N GLY A 141 -17.41 -15.02 1.64
CA GLY A 141 -17.34 -16.23 2.44
C GLY A 141 -16.01 -16.96 2.32
N ASN A 142 -14.98 -16.20 1.97
CA ASN A 142 -13.64 -16.75 1.81
C ASN A 142 -12.66 -16.38 2.93
N THR A 143 -11.98 -17.39 3.44
CA THR A 143 -10.91 -17.16 4.40
C THR A 143 -9.66 -16.80 3.60
N PRO A 144 -8.63 -16.28 4.27
CA PRO A 144 -7.38 -16.03 3.56
C PRO A 144 -6.83 -17.32 2.96
N LEU A 145 -7.10 -18.46 3.61
CA LEU A 145 -6.66 -19.74 3.07
C LEU A 145 -7.29 -20.00 1.71
N ASP A 146 -8.58 -19.68 1.59
CA ASP A 146 -9.28 -19.86 0.32
C ASP A 146 -8.64 -19.11 -0.84
N LEU A 147 -7.94 -18.01 -0.53
CA LEU A 147 -7.38 -17.13 -1.55
C LEU A 147 -5.96 -17.49 -2.01
N VAL A 148 -5.33 -18.43 -1.33
CA VAL A 148 -3.95 -18.81 -1.66
C VAL A 148 -3.83 -19.54 -3.01
N LYS A 149 -2.91 -19.08 -3.85
CA LYS A 149 -2.62 -19.73 -5.12
C LYS A 149 -2.17 -21.18 -4.91
N ASP A 150 -2.44 -22.03 -5.89
CA ASP A 150 -2.12 -23.45 -5.79
C ASP A 150 -0.63 -23.75 -5.56
N GLY A 151 0.24 -22.96 -6.19
CA GLY A 151 1.68 -23.16 -6.06
C GLY A 151 2.18 -22.94 -4.64
N ASP A 152 1.52 -22.02 -3.93
CA ASP A 152 2.00 -21.60 -2.62
C ASP A 152 1.59 -22.51 -1.46
N THR A 153 1.95 -23.78 -1.57
CA THR A 153 1.61 -24.78 -0.56
C THR A 153 2.23 -24.46 0.80
N ASP A 154 3.36 -23.76 0.79
CA ASP A 154 3.97 -23.35 2.05
C ASP A 154 3.08 -22.37 2.80
N ILE A 155 2.31 -21.58 2.05
CA ILE A 155 1.44 -20.59 2.66
C ILE A 155 0.15 -21.23 3.14
N GLN A 156 -0.38 -22.14 2.32
CA GLN A 156 -1.48 -23.00 2.72
C GLN A 156 -1.18 -23.68 4.06
N ASP A 157 -0.03 -24.34 4.14
CA ASP A 157 0.38 -25.01 5.37
C ASP A 157 0.47 -24.06 6.56
N LEU A 158 0.94 -22.85 6.30
CA LEU A 158 1.16 -21.89 7.37
C LEU A 158 -0.18 -21.43 7.90
N LEU A 159 -1.10 -21.11 6.98
CA LEU A 159 -2.44 -20.67 7.35
C LEU A 159 -3.28 -21.77 8.01
N ARG A 160 -3.16 -22.99 7.49
CA ARG A 160 -3.89 -24.15 8.01
C ARG A 160 -3.54 -24.43 9.47
N GLY B 4 -30.80 1.69 -15.75
CA GLY B 4 -30.91 0.73 -16.83
C GLY B 4 -30.63 1.33 -18.20
N ASN B 5 -30.11 0.52 -19.11
CA ASN B 5 -29.77 0.99 -20.46
C ASN B 5 -31.00 1.36 -21.27
N SER B 6 -30.89 2.40 -22.08
CA SER B 6 -31.95 2.77 -23.00
C SER B 6 -32.13 1.63 -24.00
N GLU B 7 -33.28 1.58 -24.65
CA GLU B 7 -33.59 0.53 -25.61
C GLU B 7 -32.51 0.44 -26.69
N ALA B 8 -32.13 1.58 -27.27
CA ALA B 8 -31.13 1.60 -28.34
C ALA B 8 -29.73 1.22 -27.87
N ASP B 9 -29.37 1.62 -26.65
CA ASP B 9 -28.07 1.22 -26.14
C ASP B 9 -28.00 -0.29 -25.91
N ARG B 10 -29.01 -0.84 -25.23
CA ARG B 10 -29.06 -2.27 -25.01
C ARG B 10 -28.94 -3.01 -26.35
N GLN B 11 -29.75 -2.60 -27.33
CA GLN B 11 -29.75 -3.25 -28.64
C GLN B 11 -28.42 -3.07 -29.41
N LEU B 12 -27.83 -1.89 -29.32
CA LEU B 12 -26.53 -1.66 -29.94
C LEU B 12 -25.51 -2.56 -29.28
N LEU B 13 -25.54 -2.62 -27.95
CA LEU B 13 -24.58 -3.45 -27.21
C LEU B 13 -24.68 -4.92 -27.64
N GLU B 14 -25.90 -5.44 -27.69
CA GLU B 14 -26.10 -6.82 -28.08
C GLU B 14 -25.71 -7.04 -29.55
N ALA B 15 -26.02 -6.07 -30.42
CA ALA B 15 -25.68 -6.15 -31.84
C ALA B 15 -24.16 -6.20 -32.06
N ALA B 16 -23.43 -5.36 -31.32
CA ALA B 16 -21.98 -5.42 -31.33
C ALA B 16 -21.45 -6.78 -30.88
N LYS B 17 -21.98 -7.32 -29.78
CA LYS B 17 -21.54 -8.63 -29.29
C LYS B 17 -21.84 -9.75 -30.30
N ALA B 18 -23.02 -9.68 -30.93
CA ALA B 18 -23.44 -10.70 -31.90
C ALA B 18 -22.79 -10.49 -33.26
N GLY B 19 -22.28 -9.29 -33.50
CA GLY B 19 -21.66 -8.99 -34.79
C GLY B 19 -22.69 -8.66 -35.85
N ASP B 20 -23.81 -8.10 -35.41
CA ASP B 20 -24.92 -7.77 -36.31
C ASP B 20 -24.70 -6.38 -36.87
N VAL B 21 -24.04 -6.30 -38.01
CA VAL B 21 -23.58 -5.01 -38.51
C VAL B 21 -24.74 -4.13 -38.99
N GLU B 22 -25.74 -4.72 -39.63
CA GLU B 22 -26.89 -3.95 -40.09
C GLU B 22 -27.60 -3.26 -38.94
N THR B 23 -27.74 -3.97 -37.83
CA THR B 23 -28.41 -3.38 -36.67
C THR B 23 -27.49 -2.34 -36.01
N VAL B 24 -26.19 -2.58 -36.03
CA VAL B 24 -25.25 -1.58 -35.53
C VAL B 24 -25.41 -0.26 -36.31
N LYS B 25 -25.58 -0.36 -37.63
CA LYS B 25 -25.71 0.84 -38.45
C LYS B 25 -26.99 1.63 -38.15
N LYS B 26 -28.06 0.91 -37.86
CA LYS B 26 -29.36 1.55 -37.62
C LYS B 26 -29.42 2.29 -36.30
N LEU B 27 -28.52 1.97 -35.37
CA LEU B 27 -28.64 2.49 -34.01
C LEU B 27 -27.46 3.35 -33.62
N CYS B 28 -26.39 3.27 -34.39
CA CYS B 28 -25.16 3.97 -34.05
C CYS B 28 -25.28 5.48 -34.26
N THR B 29 -25.26 6.21 -33.15
CA THR B 29 -25.27 7.67 -33.22
C THR B 29 -24.16 8.20 -32.33
N VAL B 30 -23.93 9.51 -32.43
CA VAL B 30 -23.01 10.21 -31.55
C VAL B 30 -23.35 9.91 -30.09
N GLN B 31 -24.63 9.81 -29.81
CA GLN B 31 -25.10 9.61 -28.43
C GLN B 31 -24.96 8.17 -27.94
N SER B 32 -24.87 7.22 -28.88
CA SER B 32 -24.88 5.81 -28.51
C SER B 32 -23.56 5.05 -28.73
N VAL B 33 -22.74 5.50 -29.67
CA VAL B 33 -21.56 4.74 -30.09
C VAL B 33 -20.65 4.35 -28.93
N ASN B 34 -20.57 5.22 -27.93
CA ASN B 34 -19.72 4.99 -26.79
C ASN B 34 -20.50 4.82 -25.50
N CYS B 35 -21.73 4.32 -25.60
CA CYS B 35 -22.52 4.04 -24.40
C CYS B 35 -21.88 2.90 -23.62
N ARG B 36 -22.32 2.72 -22.37
CA ARG B 36 -21.76 1.68 -21.54
C ARG B 36 -22.84 0.73 -21.03
N ASP B 37 -22.50 -0.55 -21.06
CA ASP B 37 -23.33 -1.59 -20.48
C ASP B 37 -23.37 -1.40 -18.97
N ILE B 38 -24.39 -0.74 -18.44
CA ILE B 38 -24.40 -0.44 -17.01
C ILE B 38 -24.56 -1.69 -16.13
N GLU B 39 -25.13 -2.75 -16.69
CA GLU B 39 -25.44 -3.95 -15.91
C GLU B 39 -24.47 -5.08 -16.18
N GLY B 40 -23.29 -4.73 -16.70
CA GLY B 40 -22.26 -5.72 -16.96
C GLY B 40 -20.97 -5.33 -16.29
N ARG B 41 -19.92 -5.14 -17.09
CA ARG B 41 -18.69 -4.55 -16.58
C ARG B 41 -18.41 -3.26 -17.35
N GLN B 42 -19.49 -2.61 -17.77
CA GLN B 42 -19.47 -1.29 -18.38
C GLN B 42 -18.76 -1.23 -19.71
N SER B 43 -18.77 -2.34 -20.44
CA SER B 43 -18.15 -2.37 -21.77
C SER B 43 -18.87 -1.43 -22.71
N THR B 44 -18.13 -0.92 -23.69
CA THR B 44 -18.73 -0.15 -24.78
C THR B 44 -18.93 -1.11 -25.95
N PRO B 45 -19.73 -0.69 -26.96
CA PRO B 45 -19.95 -1.55 -28.13
C PRO B 45 -18.65 -2.01 -28.76
N LEU B 46 -17.63 -1.15 -28.73
CA LEU B 46 -16.31 -1.50 -29.26
C LEU B 46 -15.61 -2.62 -28.46
N HIS B 47 -15.72 -2.58 -27.14
CA HIS B 47 -15.18 -3.63 -26.29
C HIS B 47 -15.78 -4.99 -26.68
N PHE B 48 -17.11 -5.02 -26.79
CA PHE B 48 -17.83 -6.23 -27.15
C PHE B 48 -17.44 -6.71 -28.53
N ALA B 49 -17.36 -5.77 -29.49
CA ALA B 49 -17.03 -6.18 -30.85
C ALA B 49 -15.62 -6.71 -30.88
N ALA B 50 -14.71 -6.03 -30.18
CA ALA B 50 -13.33 -6.46 -30.10
C ALA B 50 -13.25 -7.83 -29.41
N GLY B 51 -13.93 -7.95 -28.29
CA GLY B 51 -13.85 -9.17 -27.51
C GLY B 51 -14.41 -10.38 -28.24
N TYR B 52 -15.49 -10.19 -28.98
CA TYR B 52 -16.11 -11.30 -29.66
C TYR B 52 -15.70 -11.40 -31.13
N ASN B 53 -14.59 -10.75 -31.48
CA ASN B 53 -14.04 -10.87 -32.83
C ASN B 53 -15.04 -10.52 -33.95
N ARG B 54 -15.73 -9.39 -33.81
CA ARG B 54 -16.66 -8.91 -34.83
C ARG B 54 -16.01 -7.84 -35.69
N VAL B 55 -15.23 -8.28 -36.67
CA VAL B 55 -14.41 -7.37 -37.44
C VAL B 55 -15.21 -6.29 -38.18
N SER B 56 -16.33 -6.67 -38.79
CA SER B 56 -17.15 -5.68 -39.51
C SER B 56 -17.65 -4.58 -38.59
N VAL B 57 -18.08 -4.98 -37.40
CA VAL B 57 -18.56 -4.03 -36.41
C VAL B 57 -17.44 -3.14 -35.88
N VAL B 58 -16.29 -3.74 -35.60
CA VAL B 58 -15.14 -3.00 -35.10
C VAL B 58 -14.80 -1.91 -36.10
N GLU B 59 -14.72 -2.29 -37.36
CA GLU B 59 -14.44 -1.35 -38.43
C GLU B 59 -15.50 -0.26 -38.52
N TYR B 60 -16.78 -0.66 -38.55
CA TYR B 60 -17.85 0.33 -38.60
C TYR B 60 -17.75 1.31 -37.44
N LEU B 61 -17.66 0.76 -36.23
CA LEU B 61 -17.63 1.56 -35.00
C LEU B 61 -16.49 2.57 -35.01
N LEU B 62 -15.32 2.12 -35.47
CA LEU B 62 -14.13 2.96 -35.52
C LEU B 62 -14.29 4.08 -36.54
N GLN B 63 -15.10 3.84 -37.56
CA GLN B 63 -15.31 4.84 -38.60
C GLN B 63 -16.42 5.80 -38.18
N HIS B 64 -17.08 5.51 -37.06
CA HIS B 64 -18.22 6.33 -36.67
C HIS B 64 -18.19 6.80 -35.22
N GLY B 65 -16.99 7.11 -34.72
CA GLY B 65 -16.86 7.83 -33.47
C GLY B 65 -16.47 7.04 -32.24
N ALA B 66 -16.34 5.73 -32.35
CA ALA B 66 -15.97 4.91 -31.21
C ALA B 66 -14.64 5.36 -30.63
N ASP B 67 -14.54 5.31 -29.31
CA ASP B 67 -13.34 5.69 -28.59
C ASP B 67 -12.45 4.48 -28.35
N VAL B 68 -11.27 4.45 -28.98
CA VAL B 68 -10.37 3.31 -28.78
C VAL B 68 -9.77 3.29 -27.37
N HIS B 69 -9.95 4.38 -26.63
CA HIS B 69 -9.37 4.50 -25.30
C HIS B 69 -10.42 4.41 -24.19
N ALA B 70 -11.66 4.06 -24.53
CA ALA B 70 -12.67 3.91 -23.50
C ALA B 70 -12.29 2.76 -22.58
N LYS B 71 -12.48 2.97 -21.28
CA LYS B 71 -12.13 1.97 -20.30
C LYS B 71 -13.38 1.31 -19.76
N ASP B 72 -13.36 -0.01 -19.54
CA ASP B 72 -14.47 -0.67 -18.92
C ASP B 72 -14.36 -0.56 -17.41
N LYS B 73 -15.14 -1.39 -16.70
CA LYS B 73 -15.18 -1.41 -15.25
C LYS B 73 -13.79 -1.46 -14.61
N GLY B 74 -12.94 -2.36 -15.11
CA GLY B 74 -11.61 -2.57 -14.56
C GLY B 74 -10.53 -1.74 -15.23
N GLY B 75 -10.96 -0.84 -16.11
CA GLY B 75 -10.04 0.02 -16.83
C GLY B 75 -9.45 -0.64 -18.07
N LEU B 76 -10.14 -1.64 -18.61
CA LEU B 76 -9.65 -2.30 -19.82
C LEU B 76 -10.09 -1.49 -21.01
N VAL B 77 -9.17 -1.29 -21.96
CA VAL B 77 -9.54 -0.74 -23.27
C VAL B 77 -9.83 -1.91 -24.23
N PRO B 78 -10.50 -1.63 -25.37
CA PRO B 78 -10.83 -2.73 -26.30
C PRO B 78 -9.62 -3.55 -26.77
N LEU B 79 -8.43 -2.95 -26.77
CA LEU B 79 -7.23 -3.67 -27.14
C LEU B 79 -6.94 -4.77 -26.13
N HIS B 80 -7.24 -4.48 -24.86
CA HIS B 80 -7.18 -5.50 -23.83
C HIS B 80 -8.09 -6.68 -24.16
N ASN B 81 -9.36 -6.42 -24.48
CA ASN B 81 -10.30 -7.47 -24.87
C ASN B 81 -9.78 -8.26 -26.08
N ALA B 82 -9.31 -7.53 -27.10
CA ALA B 82 -8.81 -8.17 -28.32
C ALA B 82 -7.63 -9.09 -28.03
N CYS B 83 -6.73 -8.62 -27.17
CA CYS B 83 -5.53 -9.37 -26.88
C CYS B 83 -5.82 -10.59 -26.00
N SER B 84 -6.74 -10.44 -25.05
CA SER B 84 -7.05 -11.50 -24.11
C SER B 84 -7.56 -12.71 -24.84
N TYR B 85 -8.26 -12.47 -25.94
CA TYR B 85 -8.94 -13.54 -26.65
C TYR B 85 -8.30 -13.90 -27.99
N GLY B 86 -7.11 -13.35 -28.26
CA GLY B 86 -6.33 -13.80 -29.40
C GLY B 86 -6.83 -13.31 -30.76
N HIS B 87 -7.51 -12.17 -30.78
CA HIS B 87 -8.05 -11.63 -32.02
C HIS B 87 -7.05 -10.69 -32.72
N TYR B 88 -6.25 -11.27 -33.62
CA TYR B 88 -5.15 -10.61 -34.31
C TYR B 88 -5.62 -9.44 -35.16
N GLU B 89 -6.56 -9.70 -36.07
CA GLU B 89 -7.04 -8.65 -36.96
C GLU B 89 -7.69 -7.49 -36.20
N VAL B 90 -8.47 -7.78 -35.16
CA VAL B 90 -9.06 -6.72 -34.35
C VAL B 90 -7.98 -5.84 -33.71
N ALA B 91 -6.99 -6.48 -33.10
CA ALA B 91 -5.89 -5.76 -32.47
C ALA B 91 -5.19 -4.88 -33.49
N GLU B 92 -5.01 -5.41 -34.71
CA GLU B 92 -4.35 -4.64 -35.77
C GLU B 92 -5.21 -3.43 -36.20
N LEU B 93 -6.53 -3.62 -36.26
CA LEU B 93 -7.47 -2.56 -36.56
C LEU B 93 -7.45 -1.47 -35.49
N LEU B 94 -7.43 -1.88 -34.23
CA LEU B 94 -7.41 -0.93 -33.13
C LEU B 94 -6.12 -0.08 -33.20
N VAL B 95 -4.97 -0.74 -33.19
CA VAL B 95 -3.68 -0.07 -33.30
C VAL B 95 -3.63 0.88 -34.49
N LYS B 96 -4.25 0.48 -35.61
CA LYS B 96 -4.32 1.31 -36.81
C LYS B 96 -5.15 2.56 -36.55
N HIS B 97 -6.11 2.45 -35.63
CA HIS B 97 -6.97 3.59 -35.34
C HIS B 97 -6.54 4.35 -34.10
N GLY B 98 -5.29 4.14 -33.71
CA GLY B 98 -4.71 4.93 -32.65
C GLY B 98 -4.62 4.29 -31.27
N ALA B 99 -4.96 3.00 -31.16
CA ALA B 99 -4.82 2.29 -29.88
C ALA B 99 -3.36 2.27 -29.47
N VAL B 100 -3.13 2.35 -28.16
CA VAL B 100 -1.79 2.47 -27.59
C VAL B 100 -1.40 1.15 -26.93
N VAL B 101 -0.30 0.54 -27.36
CA VAL B 101 0.01 -0.82 -26.88
C VAL B 101 0.51 -0.93 -25.45
N ASN B 102 0.95 0.18 -24.86
CA ASN B 102 1.42 0.16 -23.48
C ASN B 102 0.43 0.71 -22.45
N VAL B 103 -0.84 0.78 -22.87
CA VAL B 103 -1.93 1.18 -22.00
C VAL B 103 -2.12 0.15 -20.86
N ALA B 104 -2.46 0.63 -19.66
CA ALA B 104 -2.59 -0.26 -18.50
C ALA B 104 -3.95 -0.12 -17.82
N ASP B 105 -4.51 -1.25 -17.36
CA ASP B 105 -5.75 -1.19 -16.60
C ASP B 105 -5.51 -0.76 -15.15
N LEU B 106 -6.51 -0.97 -14.28
CA LEU B 106 -6.39 -0.52 -12.89
C LEU B 106 -5.30 -1.32 -12.15
N TRP B 107 -5.07 -2.54 -12.61
CA TRP B 107 -4.09 -3.44 -12.01
C TRP B 107 -2.74 -3.27 -12.69
N LYS B 108 -2.61 -2.24 -13.52
CA LYS B 108 -1.42 -2.02 -14.35
C LYS B 108 -1.04 -3.20 -15.26
N PHE B 109 -2.05 -3.99 -15.65
CA PHE B 109 -1.92 -4.98 -16.71
C PHE B 109 -1.99 -4.29 -18.08
N THR B 110 -0.98 -4.51 -18.91
CA THR B 110 -1.00 -4.05 -20.29
C THR B 110 -1.63 -5.14 -21.16
N PRO B 111 -1.94 -4.80 -22.44
CA PRO B 111 -2.40 -5.85 -23.36
C PRO B 111 -1.44 -7.03 -23.43
N LEU B 112 -0.14 -6.76 -23.26
CA LEU B 112 0.88 -7.82 -23.29
C LEU B 112 0.83 -8.74 -22.08
N HIS B 113 0.51 -8.21 -20.90
CA HIS B 113 0.32 -9.05 -19.70
C HIS B 113 -0.84 -10.00 -19.99
N GLU B 114 -1.91 -9.42 -20.52
CA GLU B 114 -3.15 -10.13 -20.78
C GLU B 114 -2.89 -11.28 -21.77
N ALA B 115 -2.31 -10.93 -22.92
CA ALA B 115 -1.92 -11.91 -23.93
C ALA B 115 -1.01 -13.01 -23.39
N ALA B 116 0.03 -12.61 -22.68
CA ALA B 116 0.95 -13.58 -22.08
C ALA B 116 0.18 -14.53 -21.14
N ALA B 117 -0.64 -13.98 -20.25
CA ALA B 117 -1.37 -14.81 -19.28
C ALA B 117 -2.34 -15.77 -19.97
N LYS B 118 -2.94 -15.34 -21.08
CA LYS B 118 -3.90 -16.20 -21.75
C LYS B 118 -3.28 -17.12 -22.81
N GLY B 119 -1.95 -17.08 -22.96
CA GLY B 119 -1.30 -17.99 -23.89
C GLY B 119 -1.50 -17.64 -25.36
N LYS B 120 -1.60 -16.36 -25.70
CA LYS B 120 -1.84 -15.97 -27.08
C LYS B 120 -0.53 -15.56 -27.75
N TYR B 121 0.17 -16.55 -28.30
CA TYR B 121 1.47 -16.33 -28.92
C TYR B 121 1.49 -15.24 -30.00
N GLU B 122 0.63 -15.39 -31.01
CA GLU B 122 0.57 -14.45 -32.15
C GLU B 122 0.31 -13.03 -31.65
N ILE B 123 -0.46 -12.90 -30.58
CA ILE B 123 -0.75 -11.57 -30.04
C ILE B 123 0.48 -10.96 -29.35
N CYS B 124 1.18 -11.77 -28.55
CA CYS B 124 2.39 -11.31 -27.89
C CYS B 124 3.38 -10.82 -28.93
N LYS B 125 3.57 -11.62 -29.97
CA LYS B 125 4.49 -11.29 -31.04
C LYS B 125 4.02 -10.04 -31.79
N LEU B 126 2.72 -9.94 -32.06
CA LEU B 126 2.19 -8.73 -32.69
C LEU B 126 2.43 -7.48 -31.85
N LEU B 127 2.18 -7.60 -30.54
CA LEU B 127 2.35 -6.49 -29.61
C LEU B 127 3.80 -6.05 -29.58
N LEU B 128 4.71 -7.01 -29.45
CA LEU B 128 6.13 -6.77 -29.51
C LEU B 128 6.55 -6.04 -30.80
N GLN B 129 6.02 -6.47 -31.94
CA GLN B 129 6.32 -5.81 -33.20
C GLN B 129 5.85 -4.36 -33.24
N HIS B 130 4.83 -4.03 -32.45
CA HIS B 130 4.39 -2.62 -32.35
C HIS B 130 5.09 -1.90 -31.21
N GLY B 131 6.15 -2.49 -30.70
CA GLY B 131 6.95 -1.85 -29.67
C GLY B 131 6.43 -1.97 -28.24
N ALA B 132 5.60 -2.97 -27.96
CA ALA B 132 5.17 -3.18 -26.57
C ALA B 132 6.37 -3.48 -25.65
N ASP B 133 6.33 -2.93 -24.45
CA ASP B 133 7.41 -3.10 -23.48
C ASP B 133 7.20 -4.37 -22.66
N PRO B 134 8.08 -5.36 -22.82
CA PRO B 134 8.00 -6.62 -22.08
C PRO B 134 8.59 -6.54 -20.66
N THR B 135 9.16 -5.39 -20.28
CA THR B 135 9.69 -5.24 -18.93
C THR B 135 8.71 -4.53 -17.99
N LYS B 136 7.60 -4.05 -18.52
CA LYS B 136 6.59 -3.37 -17.72
C LYS B 136 6.01 -4.27 -16.64
N LYS B 137 6.21 -3.88 -15.39
CA LYS B 137 5.68 -4.64 -14.27
C LYS B 137 4.28 -4.15 -13.95
N ASN B 138 3.40 -5.07 -13.58
CA ASN B 138 2.12 -4.63 -13.08
C ASN B 138 2.25 -4.34 -11.59
N ARG B 139 1.13 -4.07 -10.94
CA ARG B 139 1.15 -3.62 -9.57
C ARG B 139 1.70 -4.67 -8.62
N ASP B 140 1.40 -5.93 -8.88
CA ASP B 140 1.96 -7.02 -8.10
C ASP B 140 3.43 -7.29 -8.42
N GLY B 141 3.99 -6.57 -9.39
CA GLY B 141 5.41 -6.67 -9.71
C GLY B 141 5.72 -7.64 -10.82
N ASN B 142 4.71 -8.05 -11.58
CA ASN B 142 4.87 -9.03 -12.63
C ASN B 142 5.01 -8.41 -14.01
N THR B 143 6.08 -8.80 -14.71
CA THR B 143 6.21 -8.48 -16.12
C THR B 143 5.33 -9.48 -16.82
N PRO B 144 5.01 -9.23 -18.11
CA PRO B 144 4.23 -10.24 -18.84
C PRO B 144 4.87 -11.64 -18.80
N LEU B 145 6.19 -11.72 -18.87
CA LEU B 145 6.86 -13.01 -18.78
C LEU B 145 6.55 -13.77 -17.47
N ASP B 146 6.48 -13.03 -16.36
CA ASP B 146 6.19 -13.62 -15.06
C ASP B 146 4.81 -14.28 -15.06
N LEU B 147 3.92 -13.81 -15.95
CA LEU B 147 2.54 -14.31 -16.00
C LEU B 147 2.27 -15.50 -16.94
N VAL B 148 3.24 -15.82 -17.80
CA VAL B 148 3.15 -16.99 -18.68
C VAL B 148 3.02 -18.29 -17.90
N LYS B 149 2.04 -19.11 -18.28
CA LYS B 149 1.88 -20.43 -17.67
C LYS B 149 3.10 -21.30 -17.92
N ASP B 150 3.47 -22.11 -16.94
CA ASP B 150 4.50 -23.11 -17.15
C ASP B 150 4.03 -24.00 -18.28
N GLY B 151 4.95 -24.42 -19.12
CA GLY B 151 4.57 -25.20 -20.28
C GLY B 151 4.49 -24.33 -21.52
N ASP B 152 4.08 -23.08 -21.38
CA ASP B 152 4.11 -22.16 -22.52
C ASP B 152 5.52 -21.64 -22.76
N THR B 153 6.46 -22.55 -22.94
CA THR B 153 7.87 -22.20 -23.08
C THR B 153 8.18 -21.36 -24.31
N ASP B 154 7.39 -21.51 -25.37
CA ASP B 154 7.60 -20.69 -26.56
C ASP B 154 7.33 -19.22 -26.28
N ILE B 155 6.19 -18.94 -25.64
CA ILE B 155 5.89 -17.57 -25.21
C ILE B 155 6.96 -17.04 -24.26
N GLN B 156 7.45 -17.91 -23.37
CA GLN B 156 8.53 -17.53 -22.48
C GLN B 156 9.76 -17.12 -23.29
N ASP B 157 10.19 -17.98 -24.21
CA ASP B 157 11.37 -17.67 -25.04
C ASP B 157 11.14 -16.42 -25.87
N LEU B 158 9.91 -16.22 -26.32
CA LEU B 158 9.55 -15.04 -27.10
C LEU B 158 9.67 -13.76 -26.27
N LEU B 159 9.39 -13.84 -24.98
CA LEU B 159 9.39 -12.63 -24.18
C LEU B 159 10.77 -12.29 -23.66
N ARG B 160 11.57 -13.32 -23.36
CA ARG B 160 12.92 -13.14 -22.81
C ARG B 160 13.78 -12.14 -23.60
N GLY C 4 -3.81 21.04 47.00
CA GLY C 4 -2.73 21.07 46.02
C GLY C 4 -2.94 21.96 44.80
N ASN C 5 -4.14 21.93 44.23
CA ASN C 5 -4.44 22.68 43.00
C ASN C 5 -4.11 24.18 43.11
N SER C 6 -3.15 24.64 42.31
CA SER C 6 -2.70 26.03 42.37
C SER C 6 -3.80 26.98 41.89
N GLU C 7 -3.74 28.25 42.32
CA GLU C 7 -4.82 29.18 42.02
C GLU C 7 -4.92 29.56 40.55
N ALA C 8 -3.79 29.97 39.97
CA ALA C 8 -3.77 30.36 38.56
C ALA C 8 -4.22 29.21 37.67
N ASP C 9 -3.78 28.00 38.02
CA ASP C 9 -4.19 26.80 37.32
C ASP C 9 -5.68 26.53 37.51
N ARG C 10 -6.18 26.71 38.73
CA ARG C 10 -7.59 26.49 39.00
C ARG C 10 -8.45 27.46 38.20
N GLN C 11 -8.02 28.72 38.18
CA GLN C 11 -8.71 29.76 37.44
C GLN C 11 -8.62 29.56 35.91
N LEU C 12 -7.49 29.06 35.43
CA LEU C 12 -7.36 28.80 34.00
C LEU C 12 -8.33 27.68 33.61
N LEU C 13 -8.39 26.66 34.45
CA LEU C 13 -9.26 25.52 34.17
C LEU C 13 -10.71 25.96 34.21
N GLU C 14 -11.04 26.82 35.17
CA GLU C 14 -12.38 27.33 35.33
C GLU C 14 -12.76 28.26 34.18
N ALA C 15 -11.78 29.04 33.70
CA ALA C 15 -12.01 29.94 32.57
C ALA C 15 -12.24 29.17 31.26
N ALA C 16 -11.54 28.07 31.10
CA ALA C 16 -11.70 27.25 29.91
C ALA C 16 -13.10 26.63 29.90
N LYS C 17 -13.52 26.12 31.06
CA LYS C 17 -14.86 25.57 31.23
C LYS C 17 -15.97 26.60 30.98
N ALA C 18 -15.75 27.83 31.47
CA ALA C 18 -16.76 28.90 31.39
C ALA C 18 -16.79 29.65 30.06
N GLY C 19 -15.73 29.50 29.26
CA GLY C 19 -15.60 30.23 28.00
C GLY C 19 -15.13 31.66 28.16
N ASP C 20 -14.51 31.96 29.30
CA ASP C 20 -13.94 33.28 29.56
C ASP C 20 -12.59 33.40 28.85
N VAL C 21 -12.62 33.90 27.63
CA VAL C 21 -11.43 33.89 26.79
C VAL C 21 -10.39 34.89 27.29
N GLU C 22 -10.85 35.99 27.87
CA GLU C 22 -9.92 37.00 28.37
C GLU C 22 -9.08 36.49 29.54
N THR C 23 -9.71 35.81 30.49
CA THR C 23 -8.97 35.19 31.56
C THR C 23 -8.08 34.06 31.05
N VAL C 24 -8.57 33.28 30.08
CA VAL C 24 -7.71 32.23 29.49
C VAL C 24 -6.45 32.87 28.90
N LYS C 25 -6.60 33.98 28.18
CA LYS C 25 -5.48 34.66 27.55
C LYS C 25 -4.44 35.13 28.57
N LYS C 26 -4.91 35.55 29.74
CA LYS C 26 -4.05 36.10 30.77
C LYS C 26 -3.25 35.02 31.53
N LEU C 27 -3.82 33.82 31.61
CA LEU C 27 -3.22 32.76 32.40
C LEU C 27 -2.50 31.71 31.56
N CYS C 28 -2.75 31.72 30.26
CA CYS C 28 -2.19 30.71 29.36
C CYS C 28 -0.71 30.93 29.14
N THR C 29 0.09 30.00 29.65
CA THR C 29 1.53 30.01 29.43
C THR C 29 1.93 28.60 29.04
N VAL C 30 3.17 28.46 28.58
CA VAL C 30 3.68 27.14 28.18
C VAL C 30 3.65 26.15 29.35
N GLN C 31 3.85 26.64 30.57
CA GLN C 31 3.81 25.78 31.75
C GLN C 31 2.40 25.28 32.04
N SER C 32 1.41 26.12 31.81
CA SER C 32 0.06 25.86 32.32
C SER C 32 -0.96 25.41 31.28
N VAL C 33 -0.66 25.59 29.99
CA VAL C 33 -1.65 25.39 28.93
C VAL C 33 -2.18 23.96 28.91
N ASN C 34 -1.36 23.03 29.39
CA ASN C 34 -1.76 21.62 29.48
C ASN C 34 -1.79 21.09 30.92
N CYS C 35 -2.04 21.98 31.88
CA CYS C 35 -2.20 21.55 33.27
C CYS C 35 -3.46 20.71 33.41
N ARG C 36 -3.57 19.96 34.50
CA ARG C 36 -4.73 19.10 34.70
C ARG C 36 -5.46 19.40 36.01
N ASP C 37 -6.78 19.30 35.96
CA ASP C 37 -7.64 19.28 37.15
C ASP C 37 -7.15 18.16 38.08
N ILE C 38 -7.10 18.38 39.39
CA ILE C 38 -6.65 17.32 40.29
C ILE C 38 -7.82 16.45 40.79
N GLU C 39 -9.03 17.00 40.71
CA GLU C 39 -10.25 16.26 41.02
C GLU C 39 -10.84 15.78 39.71
N GLY C 40 -11.80 14.87 39.79
CA GLY C 40 -12.51 14.41 38.60
C GLY C 40 -11.65 13.59 37.68
N ARG C 41 -11.75 13.82 36.38
CA ARG C 41 -10.98 13.01 35.44
C ARG C 41 -9.68 13.68 34.97
N GLN C 42 -9.24 14.71 35.67
CA GLN C 42 -7.95 15.34 35.38
C GLN C 42 -7.90 15.91 33.96
N SER C 43 -8.93 16.68 33.61
CA SER C 43 -9.01 17.29 32.30
C SER C 43 -8.05 18.45 32.16
N THR C 44 -7.59 18.67 30.94
CA THR C 44 -6.85 19.87 30.56
C THR C 44 -7.83 20.98 30.18
N PRO C 45 -7.35 22.24 30.13
CA PRO C 45 -8.15 23.33 29.58
C PRO C 45 -8.82 22.98 28.26
N LEU C 46 -8.11 22.29 27.38
CA LEU C 46 -8.64 21.95 26.08
C LEU C 46 -9.78 20.93 26.18
N HIS C 47 -9.64 19.96 27.09
CA HIS C 47 -10.75 19.06 27.41
C HIS C 47 -11.96 19.87 27.84
N PHE C 48 -11.76 20.81 28.77
CA PHE C 48 -12.87 21.62 29.25
C PHE C 48 -13.51 22.46 28.17
N ALA C 49 -12.69 23.10 27.34
CA ALA C 49 -13.20 24.01 26.33
C ALA C 49 -13.95 23.25 25.25
N ALA C 50 -13.43 22.10 24.85
CA ALA C 50 -14.09 21.26 23.87
C ALA C 50 -15.40 20.70 24.43
N GLY C 51 -15.39 20.24 25.67
CA GLY C 51 -16.56 19.62 26.26
C GLY C 51 -17.72 20.58 26.46
N TYR C 52 -17.40 21.79 26.90
CA TYR C 52 -18.42 22.78 27.12
C TYR C 52 -18.63 23.71 25.93
N ASN C 53 -18.13 23.30 24.76
CA ASN C 53 -18.44 24.01 23.52
C ASN C 53 -18.05 25.49 23.53
N ARG C 54 -16.82 25.75 24.01
CA ARG C 54 -16.30 27.12 24.04
C ARG C 54 -15.39 27.39 22.84
N VAL C 55 -15.99 27.70 21.70
CA VAL C 55 -15.24 27.80 20.45
C VAL C 55 -14.04 28.77 20.49
N SER C 56 -14.22 29.95 21.09
CA SER C 56 -13.14 30.94 21.14
C SER C 56 -11.93 30.44 21.92
N VAL C 57 -12.19 29.88 23.10
CA VAL C 57 -11.14 29.32 23.96
C VAL C 57 -10.47 28.14 23.30
N VAL C 58 -11.25 27.27 22.65
CA VAL C 58 -10.69 26.15 21.90
C VAL C 58 -9.72 26.69 20.84
N GLU C 59 -10.16 27.68 20.06
CA GLU C 59 -9.27 28.25 19.05
C GLU C 59 -8.02 28.86 19.65
N TYR C 60 -8.18 29.66 20.70
CA TYR C 60 -7.02 30.25 21.36
C TYR C 60 -6.06 29.18 21.88
N LEU C 61 -6.58 28.24 22.69
CA LEU C 61 -5.74 27.14 23.18
C LEU C 61 -4.97 26.45 22.08
N LEU C 62 -5.68 26.05 21.03
CA LEU C 62 -5.06 25.37 19.90
C LEU C 62 -3.96 26.20 19.23
N GLN C 63 -4.11 27.52 19.27
CA GLN C 63 -3.12 28.37 18.64
C GLN C 63 -1.99 28.67 19.61
N HIS C 64 -2.11 28.18 20.84
CA HIS C 64 -1.11 28.48 21.87
C HIS C 64 -0.58 27.25 22.62
N GLY C 65 -0.46 26.12 21.92
CA GLY C 65 0.27 24.98 22.45
C GLY C 65 -0.54 23.91 23.16
N ALA C 66 -1.86 24.07 23.18
CA ALA C 66 -2.72 23.05 23.75
C ALA C 66 -2.52 21.71 23.03
N ASP C 67 -2.54 20.63 23.78
CA ASP C 67 -2.22 19.30 23.26
C ASP C 67 -3.48 18.49 22.88
N VAL C 68 -3.74 18.35 21.58
CA VAL C 68 -4.89 17.57 21.11
C VAL C 68 -4.74 16.06 21.42
N HIS C 69 -3.52 15.63 21.76
CA HIS C 69 -3.29 14.21 22.03
C HIS C 69 -3.34 13.85 23.51
N ALA C 70 -3.56 14.86 24.36
CA ALA C 70 -3.54 14.68 25.82
C ALA C 70 -4.73 13.86 26.30
N LYS C 71 -4.50 12.94 27.20
CA LYS C 71 -5.57 12.08 27.67
C LYS C 71 -5.92 12.40 29.11
N ASP C 72 -7.22 12.36 29.44
CA ASP C 72 -7.61 12.53 30.82
C ASP C 72 -7.45 11.22 31.57
N LYS C 73 -8.01 11.14 32.77
CA LYS C 73 -7.85 9.97 33.63
C LYS C 73 -8.39 8.70 32.97
N GLY C 74 -9.39 8.85 32.12
CA GLY C 74 -10.03 7.71 31.46
C GLY C 74 -9.50 7.46 30.06
N GLY C 75 -8.54 8.26 29.64
CA GLY C 75 -7.90 8.06 28.35
C GLY C 75 -8.57 8.81 27.21
N LEU C 76 -9.47 9.73 27.54
CA LEU C 76 -10.15 10.56 26.53
C LEU C 76 -9.28 11.72 26.06
N VAL C 77 -9.16 11.88 24.74
CA VAL C 77 -8.58 13.11 24.22
C VAL C 77 -9.74 14.09 24.05
N PRO C 78 -9.43 15.40 23.92
CA PRO C 78 -10.51 16.38 23.82
C PRO C 78 -11.52 16.10 22.69
N LEU C 79 -11.11 15.42 21.63
CA LEU C 79 -12.05 15.07 20.56
C LEU C 79 -13.20 14.22 21.09
N HIS C 80 -12.90 13.35 22.06
CA HIS C 80 -13.94 12.52 22.67
C HIS C 80 -15.02 13.42 23.27
N ASN C 81 -14.57 14.44 24.00
CA ASN C 81 -15.47 15.39 24.67
C ASN C 81 -16.38 16.13 23.72
N ALA C 82 -15.80 16.67 22.66
CA ALA C 82 -16.56 17.37 21.63
C ALA C 82 -17.60 16.45 21.01
N CYS C 83 -17.17 15.23 20.69
CA CYS C 83 -18.01 14.25 20.01
C CYS C 83 -19.13 13.67 20.86
N SER C 84 -18.84 13.47 22.14
CA SER C 84 -19.80 12.90 23.07
C SER C 84 -20.98 13.83 23.28
N TYR C 85 -20.71 15.13 23.22
CA TYR C 85 -21.69 16.16 23.55
C TYR C 85 -22.18 16.90 22.32
N GLY C 86 -21.73 16.45 21.14
CA GLY C 86 -22.27 16.90 19.87
C GLY C 86 -21.81 18.26 19.37
N HIS C 87 -20.57 18.64 19.69
CA HIS C 87 -20.09 19.97 19.36
C HIS C 87 -19.33 19.94 18.04
N TYR C 88 -20.08 20.05 16.94
CA TYR C 88 -19.55 19.83 15.60
C TYR C 88 -18.38 20.74 15.29
N GLU C 89 -18.57 22.04 15.51
CA GLU C 89 -17.54 23.01 15.18
C GLU C 89 -16.24 22.76 15.96
N VAL C 90 -16.36 22.45 17.26
CA VAL C 90 -15.19 22.11 18.04
C VAL C 90 -14.47 20.89 17.47
N ALA C 91 -15.23 19.84 17.14
CA ALA C 91 -14.63 18.63 16.59
C ALA C 91 -13.82 18.95 15.32
N GLU C 92 -14.40 19.75 14.45
CA GLU C 92 -13.72 20.15 13.23
C GLU C 92 -12.43 20.91 13.54
N LEU C 93 -12.50 21.88 14.44
CA LEU C 93 -11.32 22.66 14.82
C LEU C 93 -10.22 21.77 15.36
N LEU C 94 -10.59 20.83 16.22
CA LEU C 94 -9.64 19.90 16.81
C LEU C 94 -8.94 19.08 15.73
N VAL C 95 -9.71 18.62 14.76
CA VAL C 95 -9.17 17.76 13.72
C VAL C 95 -8.26 18.53 12.79
N LYS C 96 -8.62 19.77 12.51
CA LYS C 96 -7.80 20.60 11.65
C LYS C 96 -6.48 20.88 12.37
N HIS C 97 -6.47 20.74 13.69
CA HIS C 97 -5.25 20.96 14.45
C HIS C 97 -4.54 19.66 14.81
N GLY C 98 -4.86 18.58 14.11
CA GLY C 98 -4.12 17.34 14.26
C GLY C 98 -4.77 16.24 15.07
N ALA C 99 -5.95 16.49 15.64
CA ALA C 99 -6.65 15.43 16.40
C ALA C 99 -6.90 14.22 15.50
N VAL C 100 -6.63 13.03 16.05
CA VAL C 100 -6.79 11.77 15.35
C VAL C 100 -8.18 11.18 15.67
N VAL C 101 -8.94 10.84 14.63
CA VAL C 101 -10.32 10.38 14.83
C VAL C 101 -10.44 8.93 15.35
N ASN C 102 -9.35 8.16 15.31
CA ASN C 102 -9.40 6.75 15.69
C ASN C 102 -8.80 6.43 17.06
N VAL C 103 -8.50 7.46 17.83
CA VAL C 103 -7.85 7.27 19.11
C VAL C 103 -8.79 6.58 20.10
N ALA C 104 -8.25 5.70 20.93
CA ALA C 104 -9.08 4.96 21.88
C ALA C 104 -8.82 5.38 23.34
N ASP C 105 -9.86 5.34 24.17
CA ASP C 105 -9.67 5.58 25.59
C ASP C 105 -9.22 4.30 26.31
N LEU C 106 -9.35 4.25 27.64
CA LEU C 106 -8.85 3.11 28.39
C LEU C 106 -9.70 1.87 28.15
N TRP C 107 -10.93 2.10 27.72
CA TRP C 107 -11.87 1.02 27.39
C TRP C 107 -11.91 0.77 25.88
N LYS C 108 -11.07 1.49 25.13
CA LYS C 108 -11.00 1.38 23.67
C LYS C 108 -12.27 1.89 22.96
N PHE C 109 -12.93 2.84 23.61
CA PHE C 109 -13.90 3.69 22.96
C PHE C 109 -13.19 4.77 22.15
N THR C 110 -13.54 4.86 20.87
CA THR C 110 -13.07 5.92 20.00
C THR C 110 -14.09 7.05 20.00
N PRO C 111 -13.75 8.20 19.40
CA PRO C 111 -14.73 9.28 19.21
C PRO C 111 -15.97 8.84 18.43
N LEU C 112 -15.81 7.86 17.56
CA LEU C 112 -16.93 7.35 16.80
C LEU C 112 -17.87 6.49 17.66
N HIS C 113 -17.33 5.78 18.65
CA HIS C 113 -18.18 5.10 19.64
C HIS C 113 -19.04 6.12 20.36
N GLU C 114 -18.40 7.20 20.82
CA GLU C 114 -19.12 8.23 21.54
C GLU C 114 -20.20 8.89 20.67
N ALA C 115 -19.83 9.30 19.47
CA ALA C 115 -20.75 9.98 18.58
C ALA C 115 -21.94 9.08 18.19
N ALA C 116 -21.66 7.80 17.99
CA ALA C 116 -22.70 6.84 17.64
C ALA C 116 -23.69 6.64 18.78
N ALA C 117 -23.16 6.25 19.94
CA ALA C 117 -24.00 6.00 21.13
C ALA C 117 -24.82 7.20 21.56
N LYS C 118 -24.32 8.40 21.27
CA LYS C 118 -25.00 9.63 21.66
C LYS C 118 -25.98 10.14 20.61
N GLY C 119 -26.05 9.45 19.46
CA GLY C 119 -26.97 9.83 18.40
C GLY C 119 -26.58 11.07 17.62
N LYS C 120 -25.28 11.28 17.41
CA LYS C 120 -24.78 12.45 16.69
C LYS C 120 -24.45 12.11 15.24
N TYR C 121 -25.47 12.19 14.37
CA TYR C 121 -25.32 11.85 12.97
C TYR C 121 -24.21 12.63 12.27
N GLU C 122 -24.28 13.96 12.33
CA GLU C 122 -23.32 14.80 11.59
C GLU C 122 -21.88 14.64 12.06
N ILE C 123 -21.72 14.35 13.35
CA ILE C 123 -20.37 14.17 13.87
C ILE C 123 -19.82 12.81 13.44
N CYS C 124 -20.65 11.77 13.50
CA CYS C 124 -20.29 10.48 12.91
C CYS C 124 -19.84 10.65 11.44
N LYS C 125 -20.59 11.44 10.69
CA LYS C 125 -20.24 11.64 9.28
C LYS C 125 -18.88 12.34 9.15
N LEU C 126 -18.65 13.36 9.96
CA LEU C 126 -17.39 14.08 9.97
C LEU C 126 -16.21 13.15 10.30
N LEU C 127 -16.37 12.33 11.34
CA LEU C 127 -15.32 11.39 11.70
C LEU C 127 -15.08 10.39 10.55
N LEU C 128 -16.16 9.90 9.95
CA LEU C 128 -16.03 8.97 8.84
C LEU C 128 -15.30 9.60 7.66
N GLN C 129 -15.61 10.85 7.37
CA GLN C 129 -14.93 11.59 6.30
C GLN C 129 -13.44 11.79 6.56
N HIS C 130 -13.03 11.67 7.81
CA HIS C 130 -11.62 11.80 8.14
C HIS C 130 -10.98 10.43 8.40
N GLY C 131 -11.70 9.39 8.02
CA GLY C 131 -11.16 8.06 8.08
C GLY C 131 -11.43 7.28 9.35
N ALA C 132 -12.38 7.72 10.16
CA ALA C 132 -12.69 6.93 11.37
C ALA C 132 -13.22 5.55 11.00
N ASP C 133 -12.83 4.53 11.76
CA ASP C 133 -13.17 3.14 11.45
C ASP C 133 -14.47 2.72 12.18
N PRO C 134 -15.57 2.52 11.44
CA PRO C 134 -16.87 2.17 12.02
C PRO C 134 -16.92 0.71 12.50
N THR C 135 -15.81 0.02 12.27
CA THR C 135 -15.64 -1.40 12.56
C THR C 135 -14.78 -1.67 13.83
N LYS C 136 -14.12 -0.63 14.32
CA LYS C 136 -13.21 -0.72 15.48
C LYS C 136 -13.92 -1.15 16.78
N LYS C 137 -13.42 -2.20 17.40
CA LYS C 137 -14.07 -2.81 18.56
C LYS C 137 -13.56 -2.21 19.84
N ASN C 138 -14.45 -1.98 20.81
CA ASN C 138 -13.97 -1.58 22.12
C ASN C 138 -13.67 -2.83 22.93
N ARG C 139 -13.36 -2.68 24.23
CA ARG C 139 -12.97 -3.83 25.02
C ARG C 139 -14.14 -4.77 25.27
N ASP C 140 -15.36 -4.25 25.10
CA ASP C 140 -16.56 -5.09 25.20
C ASP C 140 -16.77 -5.89 23.92
N GLY C 141 -15.97 -5.59 22.90
CA GLY C 141 -16.12 -6.21 21.59
C GLY C 141 -17.20 -5.54 20.74
N ASN C 142 -17.56 -4.31 21.09
CA ASN C 142 -18.58 -3.56 20.37
C ASN C 142 -17.98 -2.56 19.41
N THR C 143 -18.53 -2.51 18.20
CA THR C 143 -18.13 -1.53 17.21
C THR C 143 -19.01 -0.33 17.45
N PRO C 144 -18.67 0.83 16.85
CA PRO C 144 -19.56 1.97 17.00
C PRO C 144 -20.93 1.67 16.43
N LEU C 145 -20.98 0.90 15.34
CA LEU C 145 -22.25 0.48 14.78
C LEU C 145 -23.09 -0.22 15.85
N ASP C 146 -22.44 -1.07 16.65
CA ASP C 146 -23.10 -1.83 17.70
C ASP C 146 -23.77 -0.98 18.77
N LEU C 147 -23.25 0.23 19.01
CA LEU C 147 -23.76 1.10 20.09
C LEU C 147 -24.86 2.06 19.66
N VAL C 148 -25.15 2.09 18.36
CA VAL C 148 -26.21 2.94 17.85
C VAL C 148 -27.56 2.50 18.42
N LYS C 149 -28.36 3.47 18.86
CA LYS C 149 -29.68 3.22 19.44
C LYS C 149 -30.69 2.92 18.35
N ASP C 150 -31.76 2.22 18.72
CA ASP C 150 -32.74 1.74 17.73
C ASP C 150 -33.44 2.84 16.95
N GLY C 151 -33.59 4.00 17.56
CA GLY C 151 -34.27 5.11 16.93
C GLY C 151 -33.46 5.68 15.78
N ASP C 152 -32.14 5.57 15.88
CA ASP C 152 -31.24 6.21 14.93
C ASP C 152 -30.91 5.30 13.75
N THR C 153 -31.91 4.90 12.99
CA THR C 153 -31.67 4.06 11.82
C THR C 153 -30.86 4.78 10.75
N ASP C 154 -30.88 6.11 10.78
CA ASP C 154 -30.07 6.91 9.88
C ASP C 154 -28.58 6.75 10.21
N ILE C 155 -28.26 6.70 11.50
CA ILE C 155 -26.87 6.52 11.88
C ILE C 155 -26.40 5.08 11.62
N GLN C 156 -27.29 4.11 11.78
CA GLN C 156 -26.99 2.71 11.44
C GLN C 156 -26.61 2.59 9.97
N ASP C 157 -27.42 3.22 9.11
CA ASP C 157 -27.17 3.16 7.68
C ASP C 157 -25.85 3.82 7.31
N LEU C 158 -25.54 4.92 7.99
CA LEU C 158 -24.35 5.69 7.72
C LEU C 158 -23.09 4.86 8.00
N LEU C 159 -23.09 4.21 9.15
CA LEU C 159 -21.94 3.42 9.59
C LEU C 159 -21.69 2.13 8.79
N ARG C 160 -22.66 1.65 8.00
CA ARG C 160 -22.41 0.43 7.22
C ARG C 160 -21.82 0.68 5.83
N ASN D 5 41.58 7.21 -1.50
CA ASN D 5 40.54 7.03 -2.50
C ASN D 5 40.14 8.37 -3.11
N SER D 6 40.03 8.42 -4.43
CA SER D 6 39.74 9.67 -5.11
C SER D 6 38.43 10.23 -4.55
N GLU D 7 38.35 11.55 -4.46
CA GLU D 7 37.18 12.21 -3.88
C GLU D 7 35.91 11.72 -4.57
N ALA D 8 35.97 11.61 -5.89
CA ALA D 8 34.84 11.14 -6.69
C ALA D 8 34.47 9.72 -6.32
N ASP D 9 35.48 8.89 -6.05
CA ASP D 9 35.22 7.51 -5.65
C ASP D 9 34.46 7.47 -4.32
N ARG D 10 34.90 8.28 -3.36
CA ARG D 10 34.24 8.29 -2.07
C ARG D 10 32.79 8.77 -2.18
N GLN D 11 32.55 9.76 -3.04
CA GLN D 11 31.20 10.28 -3.22
C GLN D 11 30.30 9.23 -3.86
N LEU D 12 30.91 8.35 -4.66
CA LEU D 12 30.14 7.34 -5.35
C LEU D 12 29.77 6.21 -4.41
N LEU D 13 30.74 5.79 -3.60
CA LEU D 13 30.49 4.75 -2.62
C LEU D 13 29.39 5.19 -1.64
N GLU D 14 29.52 6.41 -1.13
CA GLU D 14 28.61 6.93 -0.12
C GLU D 14 27.22 7.21 -0.69
N ALA D 15 27.17 7.59 -1.96
CA ALA D 15 25.90 7.81 -2.63
C ALA D 15 25.19 6.47 -2.80
N ALA D 16 25.98 5.43 -3.03
CA ALA D 16 25.41 4.10 -3.22
C ALA D 16 24.95 3.56 -1.87
N LYS D 17 25.72 3.85 -0.83
CA LYS D 17 25.32 3.47 0.51
C LYS D 17 24.03 4.21 0.90
N ALA D 18 23.94 5.49 0.56
CA ALA D 18 22.79 6.29 0.98
C ALA D 18 21.54 6.07 0.13
N GLY D 19 21.72 5.54 -1.07
CA GLY D 19 20.64 5.41 -2.03
C GLY D 19 20.42 6.71 -2.80
N ASP D 20 21.50 7.45 -3.01
CA ASP D 20 21.43 8.77 -3.65
C ASP D 20 21.69 8.62 -5.15
N VAL D 21 20.65 8.22 -5.88
CA VAL D 21 20.81 7.83 -7.27
C VAL D 21 21.27 8.96 -8.20
N GLU D 22 20.89 10.20 -7.89
CA GLU D 22 21.27 11.32 -8.75
C GLU D 22 22.77 11.54 -8.74
N THR D 23 23.36 11.45 -7.55
CA THR D 23 24.81 11.54 -7.42
C THR D 23 25.49 10.38 -8.14
N VAL D 24 25.00 9.17 -7.91
CA VAL D 24 25.54 8.00 -8.60
C VAL D 24 25.58 8.22 -10.13
N LYS D 25 24.49 8.74 -10.69
CA LYS D 25 24.42 9.07 -12.11
C LYS D 25 25.50 10.05 -12.56
N LYS D 26 25.82 11.02 -11.71
CA LYS D 26 26.80 12.02 -12.04
C LYS D 26 28.24 11.53 -12.03
N LEU D 27 28.49 10.35 -11.45
CA LEU D 27 29.87 9.88 -11.21
C LEU D 27 30.17 8.53 -11.86
N CYS D 28 29.12 7.76 -12.13
CA CYS D 28 29.29 6.40 -12.62
C CYS D 28 29.84 6.29 -14.06
N THR D 29 31.07 5.82 -14.19
CA THR D 29 31.69 5.56 -15.48
C THR D 29 32.27 4.16 -15.43
N VAL D 30 32.68 3.60 -16.58
CA VAL D 30 33.36 2.30 -16.54
C VAL D 30 34.61 2.33 -15.67
N GLN D 31 35.14 3.51 -15.40
CA GLN D 31 36.35 3.61 -14.59
C GLN D 31 36.06 3.44 -13.11
N SER D 32 34.89 3.91 -12.67
CA SER D 32 34.60 4.03 -11.25
C SER D 32 33.57 3.04 -10.75
N VAL D 33 32.77 2.48 -11.66
CA VAL D 33 31.58 1.74 -11.27
C VAL D 33 31.92 0.57 -10.35
N ASN D 34 33.13 0.02 -10.48
CA ASN D 34 33.56 -1.08 -9.64
C ASN D 34 34.72 -0.75 -8.73
N CYS D 35 34.84 0.53 -8.37
CA CYS D 35 35.82 0.95 -7.36
C CYS D 35 35.49 0.30 -6.01
N ARG D 36 36.44 0.31 -5.09
CA ARG D 36 36.23 -0.31 -3.78
C ARG D 36 36.59 0.61 -2.63
N ASP D 37 35.85 0.48 -1.54
CA ASP D 37 36.18 1.08 -0.27
C ASP D 37 37.57 0.62 0.11
N ILE D 38 38.40 1.51 0.61
CA ILE D 38 39.73 1.11 1.01
C ILE D 38 39.73 0.75 2.50
N GLU D 39 38.67 1.12 3.19
CA GLU D 39 38.63 1.03 4.64
C GLU D 39 38.10 -0.30 5.21
N GLY D 40 36.85 -0.62 4.95
CA GLY D 40 36.24 -1.71 5.68
C GLY D 40 36.45 -3.07 5.07
N ARG D 41 35.42 -3.60 4.41
CA ARG D 41 35.61 -4.85 3.70
C ARG D 41 35.71 -4.66 2.20
N GLN D 42 36.12 -3.44 1.81
CA GLN D 42 36.43 -3.13 0.42
C GLN D 42 35.25 -3.44 -0.51
N SER D 43 34.06 -3.01 -0.13
CA SER D 43 32.85 -3.17 -0.93
C SER D 43 32.89 -2.28 -2.17
N THR D 44 32.30 -2.77 -3.26
CA THR D 44 32.03 -1.95 -4.42
C THR D 44 30.74 -1.15 -4.15
N PRO D 45 30.46 -0.13 -4.98
CA PRO D 45 29.14 0.53 -4.90
C PRO D 45 27.96 -0.46 -4.94
N LEU D 46 28.08 -1.54 -5.70
CA LEU D 46 26.96 -2.50 -5.82
C LEU D 46 26.75 -3.27 -4.51
N HIS D 47 27.84 -3.67 -3.86
CA HIS D 47 27.75 -4.28 -2.52
C HIS D 47 26.96 -3.38 -1.60
N PHE D 48 27.35 -2.10 -1.57
CA PHE D 48 26.71 -1.12 -0.72
C PHE D 48 25.23 -0.94 -1.05
N ALA D 49 24.93 -0.73 -2.33
CA ALA D 49 23.55 -0.52 -2.75
C ALA D 49 22.68 -1.71 -2.36
N ALA D 50 23.24 -2.91 -2.53
CA ALA D 50 22.51 -4.16 -2.34
C ALA D 50 22.28 -4.45 -0.86
N GLY D 51 23.31 -4.24 -0.05
CA GLY D 51 23.20 -4.47 1.38
C GLY D 51 22.31 -3.46 2.10
N TYR D 52 22.28 -2.24 1.59
CA TYR D 52 21.44 -1.20 2.20
C TYR D 52 20.11 -1.06 1.50
N ASN D 53 19.81 -1.99 0.60
CA ASN D 53 18.47 -2.04 -0.03
C ASN D 53 18.15 -0.77 -0.83
N ARG D 54 19.11 -0.32 -1.63
CA ARG D 54 18.89 0.86 -2.46
C ARG D 54 18.53 0.41 -3.88
N VAL D 55 17.26 0.08 -4.10
CA VAL D 55 16.84 -0.57 -5.33
C VAL D 55 17.17 0.23 -6.62
N SER D 56 16.86 1.52 -6.61
CA SER D 56 17.09 2.32 -7.80
C SER D 56 18.59 2.44 -8.12
N VAL D 57 19.41 2.51 -7.08
CA VAL D 57 20.85 2.52 -7.30
C VAL D 57 21.32 1.18 -7.82
N VAL D 58 20.83 0.09 -7.24
CA VAL D 58 21.17 -1.23 -7.74
C VAL D 58 20.81 -1.34 -9.22
N GLU D 59 19.61 -0.88 -9.57
CA GLU D 59 19.18 -1.01 -10.93
C GLU D 59 20.08 -0.16 -11.86
N TYR D 60 20.33 1.09 -11.47
CA TYR D 60 21.21 1.94 -12.25
C TYR D 60 22.60 1.33 -12.48
N LEU D 61 23.25 0.92 -11.39
CA LEU D 61 24.56 0.28 -11.46
C LEU D 61 24.58 -0.91 -12.43
N LEU D 62 23.59 -1.77 -12.32
CA LEU D 62 23.53 -2.96 -13.17
C LEU D 62 23.39 -2.64 -14.67
N GLN D 63 22.72 -1.54 -14.98
CA GLN D 63 22.55 -1.10 -16.35
C GLN D 63 23.76 -0.31 -16.82
N HIS D 64 24.71 -0.06 -15.93
CA HIS D 64 25.84 0.77 -16.27
C HIS D 64 27.19 0.15 -15.90
N GLY D 65 27.28 -1.18 -16.01
CA GLY D 65 28.55 -1.86 -15.96
C GLY D 65 28.97 -2.43 -14.61
N ALA D 66 28.15 -2.26 -13.58
CA ALA D 66 28.53 -2.80 -12.27
C ALA D 66 28.69 -4.30 -12.35
N ASP D 67 29.63 -4.82 -11.56
CA ASP D 67 30.04 -6.22 -11.67
C ASP D 67 29.40 -7.10 -10.59
N VAL D 68 28.43 -7.93 -10.98
CA VAL D 68 27.76 -8.83 -10.03
C VAL D 68 28.71 -9.90 -9.48
N HIS D 69 29.86 -10.07 -10.12
CA HIS D 69 30.83 -11.07 -9.71
C HIS D 69 31.94 -10.48 -8.83
N ALA D 70 31.95 -9.17 -8.62
CA ALA D 70 32.96 -8.56 -7.75
C ALA D 70 32.90 -9.10 -6.32
N LYS D 71 34.05 -9.47 -5.79
CA LYS D 71 34.12 -10.00 -4.44
C LYS D 71 34.75 -9.00 -3.51
N ASP D 72 34.19 -8.85 -2.31
CA ASP D 72 34.77 -7.96 -1.31
C ASP D 72 35.96 -8.63 -0.62
N LYS D 73 36.42 -8.06 0.48
CA LYS D 73 37.60 -8.58 1.16
C LYS D 73 37.38 -10.00 1.69
N GLY D 74 36.20 -10.26 2.25
CA GLY D 74 35.86 -11.61 2.70
C GLY D 74 35.40 -12.56 1.59
N GLY D 75 35.42 -12.09 0.33
CA GLY D 75 34.96 -12.87 -0.80
C GLY D 75 33.44 -12.93 -1.04
N LEU D 76 32.72 -11.93 -0.54
CA LEU D 76 31.28 -11.82 -0.79
C LEU D 76 30.96 -11.15 -2.12
N VAL D 77 30.00 -11.69 -2.85
CA VAL D 77 29.47 -10.94 -4.00
C VAL D 77 28.26 -10.17 -3.49
N PRO D 78 27.76 -9.20 -4.26
CA PRO D 78 26.68 -8.37 -3.70
C PRO D 78 25.40 -9.17 -3.43
N LEU D 79 25.19 -10.28 -4.12
CA LEU D 79 24.08 -11.17 -3.81
C LEU D 79 24.19 -11.68 -2.36
N HIS D 80 25.41 -11.79 -1.85
CA HIS D 80 25.57 -12.17 -0.44
C HIS D 80 24.98 -11.10 0.45
N ASN D 81 25.29 -9.84 0.14
CA ASN D 81 24.77 -8.72 0.93
C ASN D 81 23.24 -8.66 0.90
N ALA D 82 22.67 -8.78 -0.30
CA ALA D 82 21.22 -8.79 -0.47
C ALA D 82 20.53 -9.85 0.39
N CYS D 83 21.06 -11.07 0.36
CA CYS D 83 20.40 -12.21 0.98
C CYS D 83 20.62 -12.20 2.48
N SER D 84 21.77 -11.70 2.88
CA SER D 84 22.07 -11.62 4.30
C SER D 84 21.06 -10.73 5.01
N TYR D 85 20.57 -9.72 4.30
CA TYR D 85 19.78 -8.66 4.91
C TYR D 85 18.33 -8.66 4.44
N GLY D 86 17.94 -9.69 3.71
CA GLY D 86 16.54 -9.92 3.37
C GLY D 86 15.97 -9.08 2.24
N HIS D 87 16.83 -8.54 1.39
CA HIS D 87 16.40 -7.63 0.33
C HIS D 87 15.95 -8.40 -0.92
N TYR D 88 14.65 -8.69 -0.99
CA TYR D 88 14.10 -9.55 -2.02
C TYR D 88 14.28 -8.98 -3.42
N GLU D 89 13.70 -7.80 -3.67
CA GLU D 89 13.81 -7.17 -4.99
C GLU D 89 15.27 -6.99 -5.41
N VAL D 90 16.15 -6.59 -4.49
CA VAL D 90 17.57 -6.51 -4.83
C VAL D 90 18.14 -7.87 -5.29
N ALA D 91 17.77 -8.94 -4.61
CA ALA D 91 18.32 -10.25 -4.96
C ALA D 91 17.84 -10.67 -6.33
N GLU D 92 16.59 -10.37 -6.64
CA GLU D 92 16.01 -10.71 -7.92
C GLU D 92 16.64 -9.92 -9.07
N LEU D 93 16.95 -8.66 -8.81
CA LEU D 93 17.61 -7.81 -9.80
C LEU D 93 19.02 -8.32 -10.13
N LEU D 94 19.75 -8.71 -9.09
CA LEU D 94 21.10 -9.21 -9.29
C LEU D 94 21.05 -10.49 -10.12
N VAL D 95 20.09 -11.38 -9.82
CA VAL D 95 20.03 -12.65 -10.51
C VAL D 95 19.61 -12.48 -11.97
N LYS D 96 18.74 -11.51 -12.22
CA LYS D 96 18.36 -11.16 -13.58
C LYS D 96 19.58 -10.69 -14.36
N HIS D 97 20.52 -10.05 -13.68
CA HIS D 97 21.73 -9.59 -14.35
C HIS D 97 22.90 -10.57 -14.25
N GLY D 98 22.57 -11.86 -14.11
CA GLY D 98 23.56 -12.91 -14.24
C GLY D 98 24.31 -13.29 -12.99
N ALA D 99 23.80 -12.91 -11.83
CA ALA D 99 24.42 -13.29 -10.55
C ALA D 99 24.36 -14.80 -10.34
N VAL D 100 25.44 -15.37 -9.82
CA VAL D 100 25.51 -16.81 -9.62
C VAL D 100 25.01 -17.18 -8.23
N VAL D 101 23.98 -18.01 -8.15
CA VAL D 101 23.32 -18.25 -6.85
C VAL D 101 24.18 -19.10 -5.90
N ASN D 102 24.95 -20.04 -6.45
CA ASN D 102 25.81 -20.90 -5.64
C ASN D 102 27.27 -20.45 -5.50
N VAL D 103 27.55 -19.17 -5.75
CA VAL D 103 28.88 -18.63 -5.52
C VAL D 103 29.19 -18.68 -4.02
N ALA D 104 30.46 -18.78 -3.66
CA ALA D 104 30.84 -18.92 -2.26
C ALA D 104 31.97 -17.99 -1.85
N ASP D 105 31.98 -17.58 -0.58
CA ASP D 105 33.01 -16.65 -0.12
C ASP D 105 34.26 -17.40 0.33
N LEU D 106 35.16 -16.70 1.02
CA LEU D 106 36.43 -17.28 1.42
C LEU D 106 36.24 -18.45 2.37
N TRP D 107 35.15 -18.44 3.12
CA TRP D 107 34.82 -19.53 4.05
C TRP D 107 33.87 -20.54 3.40
N LYS D 108 33.70 -20.43 2.08
CA LYS D 108 32.74 -21.24 1.33
C LYS D 108 31.29 -21.11 1.79
N PHE D 109 30.92 -19.93 2.29
CA PHE D 109 29.52 -19.60 2.56
C PHE D 109 28.87 -19.08 1.27
N THR D 110 27.72 -19.66 0.91
CA THR D 110 26.94 -19.17 -0.22
C THR D 110 25.86 -18.17 0.23
N PRO D 111 25.18 -17.53 -0.75
CA PRO D 111 24.04 -16.68 -0.35
C PRO D 111 22.96 -17.47 0.40
N LEU D 112 22.85 -18.75 0.13
CA LEU D 112 21.89 -19.59 0.87
C LEU D 112 22.30 -19.76 2.35
N HIS D 113 23.58 -20.04 2.59
CA HIS D 113 24.14 -20.07 3.95
C HIS D 113 23.79 -18.79 4.70
N GLU D 114 23.98 -17.68 4.03
CA GLU D 114 23.74 -16.35 4.59
C GLU D 114 22.26 -16.22 4.96
N ALA D 115 21.38 -16.45 3.99
CA ALA D 115 19.94 -16.29 4.21
C ALA D 115 19.37 -17.27 5.24
N ALA D 116 19.89 -18.49 5.29
CA ALA D 116 19.41 -19.48 6.23
C ALA D 116 19.87 -19.14 7.64
N ALA D 117 21.16 -18.83 7.80
CA ALA D 117 21.70 -18.48 9.11
C ALA D 117 20.99 -17.27 9.72
N LYS D 118 20.58 -16.35 8.86
CA LYS D 118 19.94 -15.12 9.32
C LYS D 118 18.42 -15.27 9.37
N GLY D 119 17.91 -16.43 8.98
CA GLY D 119 16.48 -16.69 9.04
C GLY D 119 15.66 -15.90 8.04
N LYS D 120 16.22 -15.66 6.86
CA LYS D 120 15.51 -14.90 5.84
C LYS D 120 14.74 -15.82 4.89
N TYR D 121 13.51 -16.13 5.27
CA TYR D 121 12.71 -17.15 4.58
C TYR D 121 12.42 -16.85 3.11
N GLU D 122 11.88 -15.67 2.81
CA GLU D 122 11.58 -15.29 1.42
C GLU D 122 12.81 -15.42 0.51
N ILE D 123 13.95 -15.00 1.03
CA ILE D 123 15.19 -15.08 0.28
C ILE D 123 15.61 -16.54 -0.01
N CYS D 124 15.50 -17.40 1.00
CA CYS D 124 15.88 -18.80 0.83
C CYS D 124 15.05 -19.42 -0.27
N LYS D 125 13.75 -19.13 -0.21
CA LYS D 125 12.81 -19.62 -1.21
C LYS D 125 13.17 -19.13 -2.62
N LEU D 126 13.48 -17.84 -2.73
CA LEU D 126 13.82 -17.24 -4.01
C LEU D 126 15.04 -17.93 -4.62
N LEU D 127 16.10 -18.01 -3.82
CA LEU D 127 17.34 -18.67 -4.21
C LEU D 127 17.10 -20.09 -4.68
N LEU D 128 16.32 -20.84 -3.92
CA LEU D 128 15.97 -22.20 -4.28
C LEU D 128 15.24 -22.22 -5.62
N GLN D 129 14.29 -21.32 -5.79
CA GLN D 129 13.55 -21.24 -7.04
C GLN D 129 14.49 -20.94 -8.20
N HIS D 130 15.64 -20.34 -7.90
CA HIS D 130 16.64 -20.08 -8.94
C HIS D 130 17.76 -21.10 -8.97
N GLY D 131 17.58 -22.21 -8.25
CA GLY D 131 18.51 -23.32 -8.36
C GLY D 131 19.69 -23.37 -7.41
N ALA D 132 19.65 -22.54 -6.35
CA ALA D 132 20.56 -22.69 -5.22
C ALA D 132 20.61 -24.11 -4.67
N ASP D 133 21.82 -24.54 -4.31
CA ASP D 133 22.05 -25.87 -3.74
C ASP D 133 22.01 -25.82 -2.20
N PRO D 134 20.98 -26.42 -1.59
CA PRO D 134 20.87 -26.40 -0.13
C PRO D 134 21.72 -27.47 0.55
N THR D 135 22.61 -28.11 -0.21
CA THR D 135 23.50 -29.12 0.35
C THR D 135 24.99 -28.76 0.24
N LYS D 136 25.34 -27.59 -0.30
CA LYS D 136 26.75 -27.19 -0.38
C LYS D 136 27.32 -26.94 1.02
N LYS D 137 28.40 -27.64 1.35
CA LYS D 137 29.04 -27.42 2.64
C LYS D 137 30.01 -26.25 2.58
N ASN D 138 29.98 -25.39 3.58
CA ASN D 138 31.06 -24.43 3.76
C ASN D 138 32.31 -25.14 4.26
N ARG D 139 33.32 -24.38 4.64
CA ARG D 139 34.58 -24.99 5.10
C ARG D 139 34.44 -25.67 6.47
N ASP D 140 33.37 -25.36 7.19
CA ASP D 140 33.13 -25.98 8.50
C ASP D 140 32.41 -27.32 8.32
N GLY D 141 32.09 -27.65 7.07
CA GLY D 141 31.33 -28.84 6.77
C GLY D 141 29.83 -28.65 6.93
N ASN D 142 29.39 -27.39 6.99
CA ASN D 142 27.98 -27.08 7.19
C ASN D 142 27.20 -26.69 5.93
N THR D 143 26.10 -27.40 5.68
CA THR D 143 25.15 -26.98 4.65
C THR D 143 24.35 -25.79 5.18
N PRO D 144 23.65 -25.07 4.29
CA PRO D 144 22.75 -24.03 4.80
C PRO D 144 21.71 -24.61 5.77
N LEU D 145 21.24 -25.82 5.50
CA LEU D 145 20.27 -26.45 6.39
C LEU D 145 20.86 -26.53 7.78
N ASP D 146 22.15 -26.85 7.86
CA ASP D 146 22.83 -26.98 9.13
C ASP D 146 22.80 -25.69 9.95
N LEU D 147 22.78 -24.55 9.24
CA LEU D 147 22.94 -23.23 9.86
C LEU D 147 21.65 -22.59 10.34
N VAL D 148 20.52 -23.18 10.00
CA VAL D 148 19.24 -22.66 10.44
C VAL D 148 19.14 -22.66 11.95
N LYS D 149 18.73 -21.51 12.51
CA LYS D 149 18.50 -21.37 13.95
C LYS D 149 17.52 -22.41 14.49
N ASP D 150 17.53 -22.58 15.81
CA ASP D 150 16.75 -23.62 16.45
C ASP D 150 15.24 -23.46 16.21
N GLY D 151 14.76 -22.23 16.29
CA GLY D 151 13.34 -21.97 16.17
C GLY D 151 12.78 -22.03 14.76
N ASP D 152 13.65 -21.89 13.77
CA ASP D 152 13.20 -21.71 12.38
C ASP D 152 12.84 -23.00 11.66
N THR D 153 11.79 -23.66 12.11
CA THR D 153 11.43 -24.94 11.51
C THR D 153 10.88 -24.81 10.09
N ASP D 154 10.34 -23.63 9.77
CA ASP D 154 9.83 -23.39 8.44
C ASP D 154 10.95 -23.33 7.39
N ILE D 155 12.04 -22.65 7.74
CA ILE D 155 13.23 -22.63 6.88
C ILE D 155 13.76 -24.05 6.69
N GLN D 156 13.69 -24.85 7.74
CA GLN D 156 14.23 -26.21 7.68
C GLN D 156 13.46 -27.04 6.67
N ASP D 157 12.14 -27.01 6.79
CA ASP D 157 11.28 -27.75 5.86
C ASP D 157 11.44 -27.21 4.44
N LEU D 158 11.67 -25.90 4.34
CA LEU D 158 11.85 -25.30 3.02
C LEU D 158 13.05 -25.91 2.32
N LEU D 159 14.15 -26.01 3.04
CA LEU D 159 15.41 -26.48 2.45
C LEU D 159 15.40 -27.98 2.07
N ARG D 160 14.75 -28.82 2.86
CA ARG D 160 14.70 -30.26 2.54
C ARG D 160 13.85 -30.56 1.30
N GLN E 5 -17.38 -1.93 -7.12
CA GLN E 5 -16.40 -3.01 -7.23
C GLN E 5 -15.03 -2.71 -6.59
N ARG E 6 -14.35 -3.78 -6.18
CA ARG E 6 -13.14 -3.65 -5.38
C ARG E 6 -11.88 -3.47 -6.21
N THR E 7 -11.11 -2.43 -5.90
CA THR E 7 -9.87 -2.18 -6.62
C THR E 7 -8.68 -2.24 -5.67
N GLN E 8 -7.48 -2.13 -6.24
CA GLN E 8 -6.25 -2.35 -5.49
C GLN E 8 -5.91 -1.21 -4.53
N PRO E 9 -5.19 -1.52 -3.44
CA PRO E 9 -4.64 -0.48 -2.56
C PRO E 9 -3.72 0.43 -3.36
N ASP E 10 -3.58 1.69 -2.96
CA ASP E 10 -2.54 2.51 -3.54
C ASP E 10 -1.18 1.91 -3.14
N GLY E 11 -0.27 1.80 -4.12
CA GLY E 11 1.01 1.14 -3.91
C GLY E 11 1.46 0.30 -5.09
N GLN E 12 2.59 -0.38 -4.91
CA GLN E 12 3.10 -1.39 -5.84
C GLN E 12 4.14 -2.23 -5.13
N SER E 13 4.37 -3.44 -5.65
CA SER E 13 5.24 -4.40 -4.98
C SER E 13 6.71 -4.03 -5.10
N PHE E 14 7.07 -3.50 -6.27
CA PHE E 14 8.46 -3.29 -6.62
C PHE E 14 8.79 -1.82 -6.81
N ARG E 15 9.81 -1.38 -6.10
CA ARG E 15 10.34 -0.02 -6.22
C ARG E 15 10.99 0.23 -7.57
N ARG F 6 -9.92 -9.78 -9.96
CA ARG F 6 -9.79 -9.23 -11.32
C ARG F 6 -10.47 -10.10 -12.37
N THR F 7 -11.69 -9.74 -12.77
CA THR F 7 -12.44 -10.54 -13.72
C THR F 7 -12.03 -10.23 -15.17
N GLN F 8 -12.52 -11.05 -16.09
CA GLN F 8 -12.00 -11.03 -17.44
C GLN F 8 -12.82 -10.14 -18.39
N PRO F 9 -12.18 -9.65 -19.46
CA PRO F 9 -12.86 -8.78 -20.42
C PRO F 9 -14.07 -9.50 -21.02
N ASP F 10 -15.07 -8.75 -21.47
CA ASP F 10 -16.11 -9.37 -22.30
C ASP F 10 -15.44 -9.88 -23.58
N GLY F 11 -15.93 -11.01 -24.08
CA GLY F 11 -15.36 -11.64 -25.26
C GLY F 11 -15.14 -13.13 -25.03
N GLN F 12 -14.58 -13.80 -26.04
CA GLN F 12 -14.27 -15.24 -25.97
C GLN F 12 -13.37 -15.58 -27.14
N SER F 13 -12.56 -16.62 -26.98
CA SER F 13 -11.52 -16.94 -27.94
C SER F 13 -12.06 -17.40 -29.29
N PHE F 14 -13.14 -18.18 -29.26
CA PHE F 14 -13.60 -18.85 -30.46
C PHE F 14 -15.01 -18.47 -30.82
N ARG F 15 -15.23 -18.25 -32.10
CA ARG F 15 -16.53 -17.84 -32.60
C ARG F 15 -17.53 -18.99 -32.57
N LEU G 4 -11.90 2.16 37.56
CA LEU G 4 -12.33 1.02 36.76
C LEU G 4 -13.79 1.20 36.32
N GLN G 5 -14.42 2.27 36.79
CA GLN G 5 -15.78 2.60 36.36
C GLN G 5 -15.71 3.69 35.28
N ARG G 6 -16.27 3.43 34.11
CA ARG G 6 -16.19 4.40 33.02
C ARG G 6 -17.32 5.43 33.08
N THR G 7 -16.94 6.69 33.28
CA THR G 7 -17.92 7.78 33.37
C THR G 7 -17.90 8.68 32.13
N GLN G 8 -18.75 9.69 32.16
CA GLN G 8 -18.87 10.65 31.06
C GLN G 8 -17.70 11.61 31.04
N PRO G 9 -17.37 12.12 29.84
CA PRO G 9 -16.36 13.16 29.69
C PRO G 9 -16.82 14.42 30.40
N ASP G 10 -15.88 15.27 30.79
CA ASP G 10 -16.25 16.61 31.21
C ASP G 10 -16.87 17.36 30.03
N GLY G 11 -17.90 18.15 30.31
CA GLY G 11 -18.64 18.87 29.28
C GLY G 11 -20.14 18.71 29.43
N GLN G 12 -20.87 19.25 28.45
CA GLN G 12 -22.32 19.06 28.42
C GLN G 12 -22.84 19.40 27.05
N SER G 13 -24.01 18.89 26.72
CA SER G 13 -24.52 19.03 25.36
C SER G 13 -24.97 20.44 25.09
N PHE G 14 -25.57 21.09 26.08
CA PHE G 14 -26.18 22.39 25.87
C PHE G 14 -25.55 23.47 26.72
N ARG G 15 -25.17 24.58 26.08
CA ARG G 15 -24.65 25.74 26.79
C ARG G 15 -25.64 26.25 27.85
N ARG H 6 35.34 -14.37 10.55
CA ARG H 6 34.30 -14.06 9.58
C ARG H 6 33.32 -13.05 10.14
N THR H 7 33.13 -11.94 9.42
CA THR H 7 32.21 -10.90 9.87
C THR H 7 31.03 -10.74 8.91
N GLN H 8 30.06 -9.94 9.34
CA GLN H 8 28.88 -9.64 8.54
C GLN H 8 29.20 -8.81 7.29
N PRO H 9 28.39 -8.97 6.24
CA PRO H 9 28.52 -8.10 5.07
C PRO H 9 28.12 -6.66 5.40
N ASP H 10 28.58 -5.71 4.59
CA ASP H 10 28.05 -4.36 4.65
C ASP H 10 26.56 -4.33 4.29
N GLY H 11 25.78 -3.69 5.13
CA GLY H 11 24.37 -3.53 4.85
C GLY H 11 23.64 -3.63 6.16
N GLN H 12 22.32 -3.74 6.09
CA GLN H 12 21.49 -3.89 7.28
C GLN H 12 20.10 -4.26 6.78
N SER H 13 19.35 -4.98 7.61
CA SER H 13 18.06 -5.53 7.23
C SER H 13 16.95 -4.47 7.08
N PHE H 14 16.97 -3.46 7.94
CA PHE H 14 15.88 -2.49 8.02
C PHE H 14 16.36 -1.10 7.63
N ARG H 15 15.59 -0.42 6.78
CA ARG H 15 16.00 0.93 6.35
C ARG H 15 15.85 1.93 7.48
#